data_9H6L
#
_entry.id   9H6L
#
_cell.length_a   60.183
_cell.length_b   133.527
_cell.length_c   86.922
_cell.angle_alpha   90
_cell.angle_beta   94.83
_cell.angle_gamma   90
#
_symmetry.space_group_name_H-M   'P 1 21 1'
#
loop_
_entity.id
_entity.type
_entity.pdbx_description
1 polymer 'Beta-1,4 N-acetylgalactosaminyltransferase 1'
2 branched beta-D-mannopyranose-(1-4)-2-acetamido-2-deoxy-beta-D-glucopyranose-(1-4)-2-acetamido-2-deoxy-beta-D-glucopyranose
3 non-polymer "URIDINE-5'-DIPHOSPHATE"
4 non-polymer 'MANGANESE (II) ION'
5 non-polymer 'ACETIC ACID'
6 water water
#
_entity_poly.entity_id   1
_entity_poly.type   'polypeptide(L)'
_entity_poly.pdbx_seq_one_letter_code
;HHHHHHHHHHGTRRPELPDLAPEPRYAHIPVRIKEQVVGLLAWNNCSCESSGGGLPLPFQKQVRAIDLTKAFDPAELRAA
SATREQEFQAFLSRSQSPADQLLIAPANSPLQYPLQGVEVQPLRSILVPGLSLQAASGQEVYQVNLTASLGTWDVAGEVT
GVTLTGEGQADLTLVSPGLDQLNRQLQLVTYSSRSYQTNTADTVRFSTEGHEAAFTIRIRHPPNPRLYPPGSLPQGAQYN
ISALVTIATKTFLRYDRLRALITSIRRFYPTVTVVIADDSDKPERVSGPYVEHYLMPFGKGWFAGRNLAVSQVTTKYVLW
VDDDFVFTARTRLERLVDVLERTPLDLVGGAVREISGFATTYRQLLSVEPGAPGLGNCLRQRRGFHHELVGFPGCVVTDG
VVNFFLARTDKVREVGFDPRLSRVAHLEFFLDGLGSLRVGSCSDVVVDHASKLKLPWTSRDAGAETYARYRYPGSLDESQ
MAKHRLLFFKHRLQCMTSQ
;
_entity_poly.pdbx_strand_id   A,B
#
loop_
_chem_comp.id
_chem_comp.type
_chem_comp.name
_chem_comp.formula
ACY non-polymer 'ACETIC ACID' 'C2 H4 O2'
BMA D-saccharide, beta linking beta-D-mannopyranose 'C6 H12 O6'
MN non-polymer 'MANGANESE (II) ION' 'Mn 2'
NAG D-saccharide, beta linking 2-acetamido-2-deoxy-beta-D-glucopyranose 'C8 H15 N O6'
UDP RNA linking URIDINE-5'-DIPHOSPHATE 'C9 H14 N2 O12 P2'
#
# COMPACT_ATOMS: atom_id res chain seq x y z
N LEU A 17 -18.38 -2.88 -19.32
CA LEU A 17 -18.52 -2.84 -20.80
C LEU A 17 -18.47 -1.41 -21.31
N PRO A 18 -17.68 -1.13 -22.37
CA PRO A 18 -17.69 0.20 -22.98
C PRO A 18 -18.96 0.47 -23.80
N ASP A 19 -19.62 1.61 -23.56
CA ASP A 19 -20.85 1.90 -24.27
C ASP A 19 -20.63 2.89 -25.40
N LEU A 20 -20.79 2.37 -26.62
CA LEU A 20 -20.58 3.08 -27.87
C LEU A 20 -21.92 3.57 -28.41
N ALA A 21 -23.03 3.05 -27.87
CA ALA A 21 -24.36 3.30 -28.41
C ALA A 21 -24.73 4.77 -28.17
N PRO A 22 -25.42 5.46 -29.11
CA PRO A 22 -25.86 6.84 -28.88
C PRO A 22 -27.03 6.93 -27.91
N GLU A 23 -26.96 7.87 -26.96
CA GLU A 23 -28.15 8.25 -26.22
C GLU A 23 -29.14 8.83 -27.23
N PRO A 24 -30.47 8.67 -27.01
CA PRO A 24 -31.48 9.20 -27.93
C PRO A 24 -31.22 10.63 -28.43
N ARG A 25 -30.52 11.43 -27.61
CA ARG A 25 -30.20 12.83 -27.89
C ARG A 25 -29.38 12.98 -29.19
N TYR A 26 -28.61 11.94 -29.52
CA TYR A 26 -27.69 12.02 -30.65
C TYR A 26 -27.83 10.83 -31.60
N ALA A 27 -28.90 10.04 -31.44
CA ALA A 27 -29.17 8.89 -32.29
C ALA A 27 -29.21 9.30 -33.76
N HIS A 28 -29.50 10.59 -34.00
CA HIS A 28 -29.67 11.15 -35.33
C HIS A 28 -28.32 11.51 -35.95
N ILE A 29 -27.23 11.29 -35.23
CA ILE A 29 -25.89 11.58 -35.74
C ILE A 29 -25.23 10.26 -36.14
N PRO A 30 -24.79 10.12 -37.42
CA PRO A 30 -24.13 8.90 -37.86
C PRO A 30 -22.63 8.85 -37.53
N VAL A 31 -22.18 7.66 -37.11
CA VAL A 31 -20.84 7.42 -36.58
C VAL A 31 -20.28 6.16 -37.25
N ARG A 32 -19.07 6.24 -37.82
CA ARG A 32 -18.41 5.05 -38.35
C ARG A 32 -17.34 4.58 -37.38
N ILE A 33 -17.56 3.35 -36.85
CA ILE A 33 -16.72 2.69 -35.86
C ILE A 33 -15.30 2.53 -36.40
N LYS A 34 -14.30 2.84 -35.55
CA LYS A 34 -12.92 2.49 -35.82
C LYS A 34 -12.61 1.14 -35.16
N GLU A 35 -12.55 0.08 -35.97
CA GLU A 35 -12.31 -1.28 -35.48
C GLU A 35 -10.99 -1.31 -34.70
N GLN A 36 -9.99 -0.62 -35.25
CA GLN A 36 -8.63 -0.53 -34.77
C GLN A 36 -8.61 0.00 -33.32
N VAL A 37 -9.58 0.85 -32.98
CA VAL A 37 -9.59 1.54 -31.70
C VAL A 37 -10.49 0.83 -30.69
N VAL A 38 -11.67 0.40 -31.17
CA VAL A 38 -12.59 -0.42 -30.37
C VAL A 38 -11.89 -1.70 -29.89
N GLY A 39 -10.89 -2.15 -30.66
CA GLY A 39 -10.09 -3.32 -30.34
C GLY A 39 -9.17 -3.11 -29.13
N LEU A 40 -8.88 -1.85 -28.80
CA LEU A 40 -8.00 -1.50 -27.70
C LEU A 40 -8.75 -1.49 -26.37
N LEU A 41 -10.08 -1.51 -26.41
CA LEU A 41 -10.88 -1.36 -25.19
C LEU A 41 -11.05 -2.71 -24.51
N ALA A 42 -11.46 -2.68 -23.25
CA ALA A 42 -11.61 -3.90 -22.46
C ALA A 42 -12.98 -4.52 -22.73
N TRP A 43 -12.97 -5.71 -23.33
CA TRP A 43 -14.21 -6.37 -23.72
C TRP A 43 -14.61 -7.48 -22.76
N ASN A 44 -13.79 -7.68 -21.71
CA ASN A 44 -14.12 -8.55 -20.59
C ASN A 44 -14.52 -9.91 -21.14
N ASN A 45 -13.73 -10.40 -22.11
CA ASN A 45 -14.05 -11.65 -22.78
C ASN A 45 -12.79 -12.48 -22.99
N CYS A 46 -11.71 -12.22 -22.25
CA CYS A 46 -10.43 -12.91 -22.45
C CYS A 46 -10.59 -14.43 -22.33
N SER A 47 -9.72 -15.16 -23.04
CA SER A 47 -9.51 -16.60 -22.86
C SER A 47 -8.04 -16.87 -23.09
N CYS A 48 -7.63 -18.12 -22.89
CA CYS A 48 -6.24 -18.51 -23.03
C CYS A 48 -6.15 -19.60 -24.09
N GLU A 49 -5.46 -19.31 -25.19
CA GLU A 49 -5.37 -20.28 -26.28
C GLU A 49 -3.90 -20.64 -26.54
N SER A 50 -3.65 -21.96 -26.71
CA SER A 50 -2.35 -22.47 -27.08
C SER A 50 -2.03 -22.13 -28.54
N SER A 51 -0.75 -21.84 -28.81
CA SER A 51 -0.19 -21.92 -30.16
C SER A 51 -0.59 -23.25 -30.81
N GLY A 52 -0.93 -23.21 -32.11
CA GLY A 52 -1.07 -24.43 -32.87
C GLY A 52 0.11 -25.36 -32.59
N GLY A 53 -0.15 -26.65 -32.39
CA GLY A 53 0.94 -27.52 -31.98
C GLY A 53 1.79 -27.95 -33.17
N GLY A 54 2.71 -28.87 -32.90
CA GLY A 54 3.48 -29.39 -34.01
C GLY A 54 4.87 -28.81 -33.91
N LEU A 55 5.59 -28.84 -35.04
CA LEU A 55 6.96 -28.37 -35.09
C LEU A 55 6.93 -26.84 -35.02
N PRO A 56 7.77 -26.20 -34.19
CA PRO A 56 7.74 -24.75 -34.02
C PRO A 56 8.30 -24.00 -35.21
N LEU A 57 7.81 -22.77 -35.43
CA LEU A 57 8.28 -21.93 -36.54
C LEU A 57 9.35 -20.97 -36.01
N PRO A 58 10.35 -20.61 -36.86
CA PRO A 58 11.29 -19.54 -36.53
C PRO A 58 10.55 -18.21 -36.32
N PHE A 59 11.10 -17.41 -35.39
CA PHE A 59 10.56 -16.09 -35.08
C PHE A 59 9.34 -16.19 -34.15
N GLN A 60 8.39 -17.09 -34.50
CA GLN A 60 7.23 -17.40 -33.66
C GLN A 60 7.66 -18.10 -32.35
N LYS A 61 6.98 -17.81 -31.24
CA LYS A 61 7.27 -18.49 -29.98
C LYS A 61 6.02 -19.27 -29.56
N GLN A 62 6.25 -20.43 -28.93
CA GLN A 62 5.15 -21.31 -28.61
C GLN A 62 4.48 -20.82 -27.32
N VAL A 63 3.14 -20.68 -27.39
CA VAL A 63 2.32 -20.23 -26.28
C VAL A 63 1.54 -21.43 -25.74
N ARG A 64 1.67 -21.69 -24.44
CA ARG A 64 0.91 -22.79 -23.86
C ARG A 64 -0.13 -22.27 -22.88
N ALA A 65 -1.38 -22.75 -23.01
CA ALA A 65 -2.45 -22.31 -22.14
C ALA A 65 -2.61 -23.28 -20.98
N ILE A 66 -2.91 -22.75 -19.80
CA ILE A 66 -3.30 -23.52 -18.63
C ILE A 66 -4.71 -23.08 -18.25
N ASP A 67 -5.58 -24.08 -18.15
CA ASP A 67 -6.92 -23.90 -17.63
C ASP A 67 -6.90 -24.23 -16.14
N LEU A 68 -6.93 -23.17 -15.29
CA LEU A 68 -6.90 -23.33 -13.84
C LEU A 68 -8.18 -24.00 -13.33
N THR A 69 -9.28 -23.93 -14.09
CA THR A 69 -10.51 -24.56 -13.65
C THR A 69 -10.34 -26.07 -13.63
N LYS A 70 -9.42 -26.62 -14.43
CA LYS A 70 -9.21 -28.07 -14.48
C LYS A 70 -8.45 -28.58 -13.26
N ALA A 71 -8.07 -27.70 -12.32
CA ALA A 71 -7.41 -28.14 -11.09
C ALA A 71 -8.44 -28.55 -10.04
N PHE A 72 -9.75 -28.55 -10.37
CA PHE A 72 -10.84 -28.84 -9.46
C PHE A 72 -11.86 -29.78 -10.12
N ASP A 73 -12.56 -30.60 -9.30
CA ASP A 73 -13.73 -31.35 -9.74
C ASP A 73 -14.88 -30.37 -10.02
N PRO A 74 -15.62 -30.46 -11.15
CA PRO A 74 -16.62 -29.44 -11.51
C PRO A 74 -17.59 -29.11 -10.38
N ALA A 75 -17.93 -30.11 -9.55
CA ALA A 75 -18.73 -29.90 -8.35
C ALA A 75 -18.03 -28.91 -7.42
N GLU A 76 -16.76 -29.22 -7.13
CA GLU A 76 -15.91 -28.36 -6.32
C GLU A 76 -15.74 -27.00 -7.00
N LEU A 77 -15.65 -26.98 -8.33
CA LEU A 77 -15.34 -25.77 -9.07
C LEU A 77 -16.44 -24.72 -8.87
N ARG A 78 -17.71 -25.18 -8.88
CA ARG A 78 -18.85 -24.28 -8.73
C ARG A 78 -18.80 -23.65 -7.33
N ALA A 79 -18.46 -24.47 -6.33
CA ALA A 79 -18.26 -24.03 -4.95
C ALA A 79 -17.15 -22.99 -4.84
N ALA A 80 -15.98 -23.30 -5.41
CA ALA A 80 -14.87 -22.38 -5.50
C ALA A 80 -15.26 -21.07 -6.20
N SER A 81 -15.98 -21.16 -7.32
CA SER A 81 -16.27 -19.94 -8.05
C SER A 81 -17.20 -19.05 -7.25
N ALA A 82 -18.07 -19.67 -6.46
CA ALA A 82 -19.04 -18.93 -5.64
C ALA A 82 -18.32 -18.26 -4.47
N THR A 83 -17.58 -19.06 -3.70
CA THR A 83 -16.86 -18.54 -2.55
C THR A 83 -15.83 -17.51 -2.99
N ARG A 84 -15.24 -17.69 -4.18
CA ARG A 84 -14.26 -16.73 -4.68
C ARG A 84 -14.97 -15.41 -5.00
N GLU A 85 -16.18 -15.49 -5.55
CA GLU A 85 -16.93 -14.28 -5.90
C GLU A 85 -17.25 -13.50 -4.63
N GLN A 86 -17.65 -14.26 -3.59
CA GLN A 86 -18.01 -13.70 -2.29
C GLN A 86 -16.83 -12.95 -1.71
N GLU A 87 -15.66 -13.61 -1.68
CA GLU A 87 -14.46 -13.01 -1.13
C GLU A 87 -14.05 -11.78 -1.94
N PHE A 88 -14.28 -11.81 -3.24
CA PHE A 88 -13.88 -10.68 -4.06
C PHE A 88 -14.78 -9.48 -3.74
N GLN A 89 -16.09 -9.69 -3.64
CA GLN A 89 -17.02 -8.65 -3.25
C GLN A 89 -16.66 -8.06 -1.87
N ALA A 90 -16.31 -8.92 -0.92
CA ALA A 90 -15.79 -8.46 0.37
C ALA A 90 -14.60 -7.53 0.18
N PHE A 91 -13.66 -7.97 -0.68
CA PHE A 91 -12.42 -7.27 -0.91
C PHE A 91 -12.76 -5.88 -1.46
N LEU A 92 -13.63 -5.83 -2.47
CA LEU A 92 -14.05 -4.56 -3.06
C LEU A 92 -14.53 -3.61 -1.96
N SER A 93 -15.45 -4.13 -1.12
CA SER A 93 -16.12 -3.32 -0.11
C SER A 93 -15.11 -2.67 0.86
N ARG A 94 -14.02 -3.37 1.20
CA ARG A 94 -13.05 -2.90 2.17
C ARG A 94 -12.08 -1.90 1.53
N SER A 95 -11.95 -1.93 0.21
CA SER A 95 -10.79 -1.35 -0.47
C SER A 95 -11.20 -0.08 -1.23
N GLN A 96 -12.49 -0.01 -1.63
CA GLN A 96 -12.96 1.04 -2.53
C GLN A 96 -13.25 2.30 -1.74
N SER A 97 -13.11 3.47 -2.37
CA SER A 97 -13.13 4.76 -1.70
C SER A 97 -14.03 5.75 -2.43
N PRO A 98 -14.72 6.67 -1.73
CA PRO A 98 -15.40 7.76 -2.41
C PRO A 98 -14.53 8.58 -3.36
N ALA A 99 -13.20 8.45 -3.24
CA ALA A 99 -12.31 9.20 -4.11
C ALA A 99 -12.17 8.52 -5.46
N ASP A 100 -12.73 7.31 -5.57
CA ASP A 100 -12.60 6.50 -6.77
C ASP A 100 -13.90 6.64 -7.57
N GLN A 101 -14.91 7.30 -7.00
CA GLN A 101 -16.17 7.55 -7.69
C GLN A 101 -15.92 8.50 -8.87
N LEU A 102 -16.58 8.20 -10.00
CA LEU A 102 -16.61 9.04 -11.16
C LEU A 102 -17.42 10.30 -10.84
N LEU A 103 -16.76 11.46 -10.82
CA LEU A 103 -17.42 12.75 -10.76
C LEU A 103 -17.14 13.52 -12.05
N ILE A 104 -18.20 14.10 -12.62
CA ILE A 104 -18.13 14.97 -13.79
C ILE A 104 -18.29 16.42 -13.33
N ALA A 105 -17.33 17.29 -13.69
CA ALA A 105 -17.49 18.72 -13.44
C ALA A 105 -18.58 19.25 -14.35
N PRO A 106 -19.61 19.96 -13.82
CA PRO A 106 -20.60 20.59 -14.67
C PRO A 106 -20.01 21.78 -15.42
N ALA A 107 -20.57 22.06 -16.60
CA ALA A 107 -20.29 23.28 -17.34
C ALA A 107 -21.08 24.45 -16.74
N ASN A 108 -20.54 25.67 -16.94
CA ASN A 108 -21.27 26.92 -16.77
C ASN A 108 -21.79 27.07 -15.35
N SER A 109 -20.92 26.83 -14.38
CA SER A 109 -21.20 27.14 -12.99
C SER A 109 -20.37 28.35 -12.57
N PRO A 110 -20.91 29.23 -11.71
CA PRO A 110 -20.11 30.25 -11.04
C PRO A 110 -19.13 29.69 -10.02
N LEU A 111 -19.25 28.38 -9.71
CA LEU A 111 -18.61 27.71 -8.59
C LEU A 111 -17.19 27.32 -9.00
N GLN A 112 -16.22 27.90 -8.30
CA GLN A 112 -14.83 27.50 -8.39
C GLN A 112 -14.46 26.74 -7.10
N TYR A 113 -13.80 25.60 -7.25
CA TYR A 113 -13.56 24.71 -6.12
C TYR A 113 -12.41 23.76 -6.41
N PRO A 114 -11.78 23.17 -5.37
CA PRO A 114 -10.70 22.21 -5.57
C PRO A 114 -11.24 20.85 -6.03
N LEU A 115 -10.68 20.35 -7.12
CA LEU A 115 -11.14 19.18 -7.83
C LEU A 115 -10.31 17.97 -7.39
N GLN A 116 -9.09 18.22 -6.92
CA GLN A 116 -8.21 17.19 -6.39
C GLN A 116 -7.06 17.89 -5.67
N GLY A 117 -6.39 17.14 -4.78
CA GLY A 117 -5.25 17.71 -4.11
C GLY A 117 -5.57 18.18 -2.68
N VAL A 118 -6.79 17.93 -2.20
CA VAL A 118 -7.18 18.35 -0.86
C VAL A 118 -7.34 17.15 0.07
N GLU A 119 -6.59 17.17 1.17
CA GLU A 119 -6.39 16.01 2.03
C GLU A 119 -6.22 16.46 3.48
N VAL A 120 -6.85 15.74 4.41
CA VAL A 120 -6.60 16.04 5.82
C VAL A 120 -6.38 14.75 6.59
N GLN A 121 -5.65 14.83 7.70
CA GLN A 121 -5.48 13.62 8.49
C GLN A 121 -6.72 13.45 9.34
N PRO A 122 -7.09 12.20 9.69
CA PRO A 122 -8.28 11.97 10.49
C PRO A 122 -8.24 12.83 11.74
N LEU A 123 -9.38 13.43 12.09
CA LEU A 123 -9.51 14.26 13.30
C LEU A 123 -8.72 15.57 13.25
N ARG A 124 -8.19 15.99 12.09
CA ARG A 124 -7.50 17.26 11.99
C ARG A 124 -8.29 18.23 11.09
N SER A 125 -7.71 19.42 10.84
CA SER A 125 -8.42 20.51 10.20
C SER A 125 -7.52 21.21 9.18
N ILE A 126 -8.13 21.60 8.04
CA ILE A 126 -7.41 22.34 7.01
C ILE A 126 -8.25 23.51 6.54
N LEU A 127 -7.57 24.56 6.05
CA LEU A 127 -8.17 25.57 5.17
C LEU A 127 -8.45 24.89 3.83
N VAL A 128 -9.68 25.04 3.33
CA VAL A 128 -9.99 24.53 2.00
C VAL A 128 -9.47 25.53 0.97
N PRO A 129 -8.64 25.09 0.01
CA PRO A 129 -8.11 26.00 -1.00
C PRO A 129 -9.07 26.23 -2.16
N GLY A 130 -9.06 27.46 -2.73
CA GLY A 130 -9.62 27.76 -4.04
C GLY A 130 -11.15 27.77 -4.11
N LEU A 131 -11.84 27.75 -2.96
CA LEU A 131 -13.29 27.89 -2.98
C LEU A 131 -13.65 29.32 -3.38
N SER A 132 -14.53 29.49 -4.38
CA SER A 132 -14.99 30.84 -4.73
C SER A 132 -16.30 30.83 -5.53
N LEU A 133 -16.99 31.97 -5.52
CA LEU A 133 -18.20 32.17 -6.31
C LEU A 133 -17.96 33.32 -7.27
N GLN A 134 -17.76 33.00 -8.55
CA GLN A 134 -17.55 33.99 -9.59
C GLN A 134 -18.88 34.27 -10.29
N ALA A 135 -19.77 35.02 -9.62
CA ALA A 135 -21.08 35.37 -10.17
C ALA A 135 -21.04 36.79 -10.72
N ALA A 136 -22.20 37.32 -11.11
CA ALA A 136 -22.29 38.71 -11.56
C ALA A 136 -22.33 39.65 -10.35
N SER A 137 -21.57 40.75 -10.42
CA SER A 137 -21.63 41.76 -9.37
C SER A 137 -22.93 42.53 -9.50
N GLY A 138 -23.47 42.97 -8.34
CA GLY A 138 -24.69 43.76 -8.31
C GLY A 138 -25.83 43.05 -7.61
N GLN A 139 -25.96 41.73 -7.83
CA GLN A 139 -27.07 40.96 -7.29
C GLN A 139 -27.22 41.31 -5.82
N GLU A 140 -28.47 41.42 -5.36
CA GLU A 140 -28.74 41.89 -4.01
C GLU A 140 -27.99 41.03 -2.99
N VAL A 141 -28.22 39.71 -2.98
CA VAL A 141 -27.55 38.83 -2.03
C VAL A 141 -26.84 37.69 -2.77
N TYR A 142 -25.84 37.07 -2.11
CA TYR A 142 -25.06 35.97 -2.65
C TYR A 142 -24.95 34.90 -1.56
N GLN A 143 -25.28 33.64 -1.90
CA GLN A 143 -25.33 32.56 -0.91
C GLN A 143 -24.69 31.28 -1.45
N VAL A 144 -23.88 30.60 -0.64
CA VAL A 144 -23.26 29.32 -0.97
C VAL A 144 -23.52 28.34 0.17
N ASN A 145 -23.82 27.07 -0.17
CA ASN A 145 -24.13 26.01 0.78
C ASN A 145 -23.10 24.89 0.63
N LEU A 146 -22.36 24.59 1.71
CA LEU A 146 -21.34 23.54 1.77
C LEU A 146 -21.84 22.39 2.63
N THR A 147 -21.75 21.16 2.11
CA THR A 147 -22.23 19.96 2.80
C THR A 147 -21.09 18.94 2.87
N ALA A 148 -20.88 18.37 4.06
CA ALA A 148 -19.91 17.29 4.25
C ALA A 148 -20.62 16.10 4.90
N SER A 149 -19.92 14.97 5.01
CA SER A 149 -20.53 13.75 5.53
C SER A 149 -19.64 13.05 6.59
N LEU A 150 -18.36 13.42 6.65
CA LEU A 150 -17.41 12.83 7.58
C LEU A 150 -16.66 13.96 8.29
N GLY A 151 -17.15 15.18 8.12
CA GLY A 151 -16.47 16.34 8.68
C GLY A 151 -17.42 17.49 8.95
N THR A 152 -16.86 18.59 9.45
CA THR A 152 -17.61 19.81 9.72
C THR A 152 -16.82 21.03 9.26
N TRP A 153 -17.57 22.09 8.93
CA TRP A 153 -17.00 23.30 8.37
C TRP A 153 -16.98 24.39 9.41
N ASP A 154 -15.96 25.24 9.35
CA ASP A 154 -15.88 26.40 10.22
C ASP A 154 -15.04 27.45 9.49
N VAL A 155 -14.98 28.68 10.02
CA VAL A 155 -14.18 29.66 9.34
C VAL A 155 -13.02 30.11 10.22
N ALA A 156 -11.85 30.30 9.61
CA ALA A 156 -10.66 30.80 10.29
C ALA A 156 -10.85 32.26 10.73
N GLY A 157 -11.82 32.96 10.13
CA GLY A 157 -12.17 34.30 10.57
C GLY A 157 -13.48 34.73 9.92
N GLU A 158 -14.19 35.67 10.57
CA GLU A 158 -15.48 36.17 10.09
C GLU A 158 -15.31 37.47 9.32
N VAL A 159 -15.88 37.48 8.12
CA VAL A 159 -15.89 38.69 7.31
C VAL A 159 -17.13 39.50 7.71
N THR A 160 -16.90 40.79 7.99
CA THR A 160 -18.00 41.68 8.35
C THR A 160 -18.99 41.74 7.17
N GLY A 161 -20.25 41.39 7.46
CA GLY A 161 -21.31 41.50 6.48
C GLY A 161 -21.71 40.16 5.89
N VAL A 162 -20.86 39.13 6.06
CA VAL A 162 -21.23 37.76 5.67
C VAL A 162 -21.86 37.05 6.87
N THR A 163 -23.04 36.45 6.65
CA THR A 163 -23.80 35.73 7.67
C THR A 163 -23.57 34.23 7.49
N LEU A 164 -23.11 33.58 8.56
CA LEU A 164 -22.81 32.15 8.52
C LEU A 164 -23.88 31.39 9.29
N THR A 165 -24.27 30.24 8.75
CA THR A 165 -25.15 29.31 9.42
C THR A 165 -24.53 27.92 9.41
N GLY A 166 -24.35 27.34 10.59
CA GLY A 166 -23.94 25.95 10.68
C GLY A 166 -22.45 25.82 10.91
N GLU A 167 -21.86 26.83 11.54
CA GLU A 167 -20.45 26.81 11.89
C GLU A 167 -20.20 25.67 12.87
N GLY A 168 -19.29 24.76 12.52
CA GLY A 168 -19.04 23.56 13.32
C GLY A 168 -20.02 22.41 13.06
N GLN A 169 -20.85 22.54 12.02
CA GLN A 169 -21.75 21.48 11.58
C GLN A 169 -21.34 20.95 10.19
N ALA A 170 -22.02 19.87 9.77
CA ALA A 170 -21.81 19.19 8.49
C ALA A 170 -22.24 20.06 7.32
N ASP A 171 -23.22 20.93 7.57
CA ASP A 171 -23.84 21.81 6.60
C ASP A 171 -23.55 23.25 7.02
N LEU A 172 -22.95 24.00 6.10
CA LEU A 172 -22.61 25.40 6.31
C LEU A 172 -23.25 26.19 5.18
N THR A 173 -23.82 27.35 5.54
CA THR A 173 -24.30 28.31 4.56
C THR A 173 -23.59 29.63 4.79
N LEU A 174 -23.23 30.31 3.70
CA LEU A 174 -22.66 31.64 3.76
C LEU A 174 -23.54 32.55 2.90
N VAL A 175 -23.93 33.70 3.45
CA VAL A 175 -24.82 34.59 2.72
C VAL A 175 -24.38 36.04 2.94
N SER A 176 -24.39 36.82 1.86
CA SER A 176 -23.74 38.12 1.86
C SER A 176 -24.40 39.07 0.86
N PRO A 177 -24.60 40.35 1.25
CA PRO A 177 -25.05 41.37 0.30
C PRO A 177 -23.93 41.84 -0.63
N GLY A 178 -22.70 41.39 -0.34
CA GLY A 178 -21.55 41.72 -1.17
C GLY A 178 -20.81 40.46 -1.59
N LEU A 179 -20.47 40.40 -2.89
CA LEU A 179 -19.81 39.26 -3.49
C LEU A 179 -18.36 39.17 -3.06
N ASP A 180 -17.63 40.30 -3.03
CA ASP A 180 -16.24 40.29 -2.55
C ASP A 180 -16.18 39.79 -1.11
N GLN A 181 -17.17 40.16 -0.29
CA GLN A 181 -17.26 39.69 1.08
C GLN A 181 -17.35 38.15 1.16
N LEU A 182 -18.30 37.58 0.39
CA LEU A 182 -18.53 36.15 0.33
C LEU A 182 -17.23 35.43 -0.07
N ASN A 183 -16.57 35.91 -1.13
CA ASN A 183 -15.39 35.26 -1.67
C ASN A 183 -14.22 35.28 -0.68
N ARG A 184 -14.04 36.43 0.00
CA ARG A 184 -13.03 36.52 1.04
C ARG A 184 -13.35 35.54 2.16
N GLN A 185 -14.65 35.37 2.45
CA GLN A 185 -15.09 34.47 3.51
C GLN A 185 -14.75 33.03 3.13
N LEU A 186 -14.97 32.69 1.85
CA LEU A 186 -14.66 31.38 1.31
C LEU A 186 -13.17 31.09 1.41
N GLN A 187 -12.32 32.11 1.22
CA GLN A 187 -10.88 31.90 1.34
C GLN A 187 -10.49 31.41 2.73
N LEU A 188 -11.41 31.48 3.70
CA LEU A 188 -11.12 31.23 5.11
C LEU A 188 -11.89 30.00 5.62
N VAL A 189 -12.49 29.24 4.70
CA VAL A 189 -13.29 28.11 5.15
C VAL A 189 -12.36 26.99 5.61
N THR A 190 -12.69 26.35 6.74
CA THR A 190 -11.90 25.22 7.21
C THR A 190 -12.78 23.97 7.24
N TYR A 191 -12.15 22.83 6.92
CA TYR A 191 -12.78 21.52 7.01
C TYR A 191 -12.08 20.73 8.11
N SER A 192 -12.89 20.02 8.90
CA SER A 192 -12.43 19.22 10.02
C SER A 192 -12.98 17.80 9.91
N SER A 193 -12.10 16.81 9.96
CA SER A 193 -12.57 15.44 10.10
C SER A 193 -13.10 15.20 11.51
N ARG A 194 -14.29 14.59 11.57
CA ARG A 194 -14.97 14.44 12.85
C ARG A 194 -14.81 13.02 13.38
N SER A 195 -14.91 12.01 12.52
CA SER A 195 -14.78 10.65 13.01
C SER A 195 -13.48 10.05 12.49
N TYR A 196 -12.87 9.17 13.28
CA TYR A 196 -11.59 8.58 12.94
C TYR A 196 -11.78 7.42 11.95
N GLN A 197 -11.15 7.57 10.78
CA GLN A 197 -10.95 6.46 9.89
C GLN A 197 -9.52 6.54 9.35
N THR A 198 -8.98 5.41 8.88
CA THR A 198 -7.58 5.35 8.57
C THR A 198 -7.31 5.93 7.19
N ASN A 199 -8.20 5.63 6.22
CA ASN A 199 -7.91 6.02 4.85
C ASN A 199 -9.19 6.01 4.04
N THR A 200 -9.84 7.18 3.92
CA THR A 200 -11.11 7.27 3.24
C THR A 200 -11.21 8.66 2.62
N ALA A 201 -12.43 9.05 2.26
CA ALA A 201 -12.60 10.36 1.67
C ALA A 201 -14.03 10.82 1.88
N ASP A 202 -14.19 12.14 1.95
CA ASP A 202 -15.50 12.74 2.08
C ASP A 202 -15.82 13.40 0.74
N THR A 203 -16.95 13.01 0.13
CA THR A 203 -17.43 13.73 -1.04
C THR A 203 -18.32 14.89 -0.60
N VAL A 204 -17.74 16.09 -0.57
CA VAL A 204 -18.44 17.30 -0.18
C VAL A 204 -19.26 17.90 -1.34
N ARG A 205 -20.36 18.60 -1.03
CA ARG A 205 -21.17 19.35 -1.99
C ARG A 205 -21.03 20.85 -1.74
N PHE A 206 -20.59 21.58 -2.77
CA PHE A 206 -20.57 23.04 -2.79
C PHE A 206 -21.65 23.50 -3.75
N SER A 207 -22.57 24.35 -3.28
CA SER A 207 -23.73 24.71 -4.09
C SER A 207 -24.08 26.18 -3.94
N THR A 208 -24.75 26.70 -4.98
CA THR A 208 -25.39 28.00 -4.98
C THR A 208 -26.69 27.84 -5.76
N GLU A 209 -27.48 28.89 -5.92
CA GLU A 209 -28.78 28.76 -6.57
C GLU A 209 -28.61 28.13 -7.95
N GLY A 210 -29.31 27.01 -8.19
CA GLY A 210 -29.38 26.36 -9.50
C GLY A 210 -28.06 25.72 -9.97
N HIS A 211 -27.08 25.61 -9.04
CA HIS A 211 -25.76 25.07 -9.35
C HIS A 211 -25.23 24.18 -8.23
N GLU A 212 -24.58 23.09 -8.62
CA GLU A 212 -24.08 22.08 -7.70
C GLU A 212 -22.71 21.60 -8.20
N ALA A 213 -21.74 21.51 -7.28
CA ALA A 213 -20.43 20.93 -7.54
C ALA A 213 -20.13 19.88 -6.49
N ALA A 214 -19.58 18.74 -6.93
CA ALA A 214 -19.11 17.72 -5.99
C ALA A 214 -17.58 17.66 -6.08
N PHE A 215 -16.92 17.59 -4.91
CA PHE A 215 -15.49 17.32 -4.86
C PHE A 215 -15.17 16.47 -3.63
N THR A 216 -13.95 15.93 -3.58
CA THR A 216 -13.61 14.93 -2.58
C THR A 216 -12.43 15.39 -1.75
N ILE A 217 -12.62 15.37 -0.42
CA ILE A 217 -11.52 15.62 0.48
C ILE A 217 -11.03 14.27 0.97
N ARG A 218 -9.75 14.01 0.81
CA ARG A 218 -9.21 12.72 1.21
C ARG A 218 -8.86 12.81 2.69
N ILE A 219 -9.27 11.79 3.44
CA ILE A 219 -9.04 11.71 4.88
C ILE A 219 -8.08 10.55 5.13
N ARG A 220 -6.80 10.86 5.37
CA ARG A 220 -5.83 9.81 5.53
C ARG A 220 -4.59 10.32 6.24
N HIS A 221 -3.83 9.34 6.78
CA HIS A 221 -2.57 9.64 7.43
C HIS A 221 -1.49 9.75 6.37
N PRO A 222 -0.44 10.57 6.56
CA PRO A 222 0.75 10.47 5.74
C PRO A 222 1.38 9.09 5.92
N PRO A 223 2.02 8.54 4.85
CA PRO A 223 2.50 7.16 4.87
C PRO A 223 3.75 7.00 5.71
N ASN A 224 4.05 5.79 6.21
CA ASN A 224 5.26 5.53 6.98
C ASN A 224 6.44 5.73 6.03
N PRO A 225 7.33 6.71 6.24
CA PRO A 225 8.41 6.98 5.28
C PRO A 225 9.48 5.88 5.26
N ARG A 226 9.54 5.08 6.33
CA ARG A 226 10.43 3.92 6.39
C ARG A 226 11.84 4.34 5.92
N LEU A 227 12.41 5.37 6.56
CA LEU A 227 13.73 5.89 6.27
C LEU A 227 14.82 5.04 6.92
N TYR A 228 15.81 4.66 6.12
CA TYR A 228 16.91 3.80 6.54
C TYR A 228 18.18 4.64 6.62
N PRO A 229 19.00 4.47 7.68
CA PRO A 229 20.30 5.13 7.74
C PRO A 229 21.34 4.55 6.76
N PRO A 230 21.88 5.37 5.82
CA PRO A 230 23.06 5.00 5.02
C PRO A 230 24.24 4.48 5.86
N GLY A 231 24.27 4.91 7.14
CA GLY A 231 25.08 4.30 8.18
C GLY A 231 26.55 4.27 7.82
N GLN A 238 30.92 6.15 0.15
CA GLN A 238 30.09 6.01 -1.07
C GLN A 238 29.00 4.98 -0.76
N TYR A 239 29.16 3.73 -1.22
CA TYR A 239 28.13 2.72 -0.92
C TYR A 239 28.64 1.67 0.04
N ASN A 240 28.16 1.74 1.29
CA ASN A 240 28.53 0.76 2.31
C ASN A 240 27.66 -0.49 2.14
N ILE A 241 28.18 -1.49 1.41
CA ILE A 241 27.42 -2.68 1.05
C ILE A 241 27.00 -3.48 2.29
N SER A 242 27.83 -3.54 3.32
CA SER A 242 27.50 -4.27 4.54
C SER A 242 26.35 -3.59 5.29
N ALA A 243 26.26 -2.27 5.17
CA ALA A 243 25.23 -1.50 5.85
C ALA A 243 23.93 -1.49 5.07
N LEU A 244 24.03 -1.63 3.74
CA LEU A 244 22.88 -1.38 2.89
C LEU A 244 22.23 -2.68 2.44
N VAL A 245 23.00 -3.76 2.37
CA VAL A 245 22.56 -4.97 1.68
C VAL A 245 22.70 -6.14 2.64
N THR A 246 21.67 -6.99 2.69
CA THR A 246 21.81 -8.29 3.32
C THR A 246 21.58 -9.32 2.23
N ILE A 247 22.38 -10.39 2.23
CA ILE A 247 22.15 -11.45 1.24
C ILE A 247 21.24 -12.51 1.84
N ALA A 248 20.22 -12.94 1.09
CA ALA A 248 19.21 -13.86 1.59
C ALA A 248 19.17 -15.05 0.65
N THR A 249 19.09 -16.24 1.25
CA THR A 249 18.96 -17.45 0.44
C THR A 249 18.17 -18.49 1.21
N LYS A 250 17.81 -19.55 0.49
CA LYS A 250 17.14 -20.69 1.08
C LYS A 250 17.79 -21.99 0.60
N THR A 251 18.11 -22.87 1.54
CA THR A 251 18.73 -24.11 1.17
C THR A 251 17.85 -25.30 1.58
N PHE A 252 18.04 -26.42 0.88
CA PHE A 252 17.52 -27.69 1.31
C PHE A 252 18.47 -28.79 0.84
N LEU A 253 19.18 -29.39 1.80
CA LEU A 253 20.07 -30.52 1.56
C LEU A 253 21.10 -30.24 0.48
N ARG A 254 21.64 -29.02 0.42
CA ARG A 254 22.64 -28.71 -0.59
C ARG A 254 23.72 -27.88 0.07
N TYR A 255 24.24 -28.43 1.16
CA TYR A 255 25.18 -27.67 1.98
C TYR A 255 26.47 -27.37 1.24
N ASP A 256 26.85 -28.26 0.30
CA ASP A 256 28.06 -28.05 -0.47
C ASP A 256 27.92 -26.80 -1.33
N ARG A 257 26.79 -26.67 -2.03
CA ARG A 257 26.53 -25.52 -2.86
C ARG A 257 26.48 -24.25 -2.01
N LEU A 258 25.80 -24.37 -0.86
CA LEU A 258 25.61 -23.27 0.07
C LEU A 258 26.96 -22.74 0.59
N ARG A 259 27.83 -23.68 1.01
CA ARG A 259 29.11 -23.26 1.57
C ARG A 259 29.98 -22.66 0.48
N ALA A 260 29.84 -23.20 -0.75
CA ALA A 260 30.59 -22.70 -1.90
C ALA A 260 30.13 -21.28 -2.24
N LEU A 261 28.81 -21.03 -2.06
CA LEU A 261 28.28 -19.70 -2.24
C LEU A 261 28.86 -18.75 -1.18
N ILE A 262 28.77 -19.15 0.10
CA ILE A 262 29.22 -18.25 1.16
C ILE A 262 30.70 -17.92 1.00
N THR A 263 31.51 -18.95 0.72
CA THR A 263 32.93 -18.75 0.40
C THR A 263 33.06 -17.76 -0.77
N SER A 264 32.25 -17.93 -1.84
CA SER A 264 32.38 -17.04 -2.99
C SER A 264 32.01 -15.60 -2.65
N ILE A 265 31.01 -15.42 -1.77
CA ILE A 265 30.58 -14.08 -1.36
C ILE A 265 31.70 -13.40 -0.58
N ARG A 266 32.31 -14.18 0.32
CA ARG A 266 33.29 -13.65 1.24
C ARG A 266 34.53 -13.16 0.50
N ARG A 267 34.77 -13.66 -0.72
CA ARG A 267 35.88 -13.26 -1.56
C ARG A 267 35.71 -11.80 -2.00
N PHE A 268 34.48 -11.28 -2.04
CA PHE A 268 34.27 -9.91 -2.50
C PHE A 268 33.67 -9.05 -1.40
N TYR A 269 32.91 -9.70 -0.50
CA TYR A 269 32.17 -8.98 0.52
C TYR A 269 32.37 -9.72 1.84
N PRO A 270 33.43 -9.38 2.59
CA PRO A 270 33.76 -10.09 3.82
C PRO A 270 32.80 -9.86 4.98
N THR A 271 32.07 -8.72 5.00
CA THR A 271 31.23 -8.46 6.16
C THR A 271 29.76 -8.29 5.82
N VAL A 272 29.37 -8.55 4.57
CA VAL A 272 27.95 -8.53 4.22
C VAL A 272 27.27 -9.73 4.89
N THR A 273 26.11 -9.49 5.51
CA THR A 273 25.35 -10.52 6.22
C THR A 273 24.76 -11.46 5.20
N VAL A 274 24.83 -12.76 5.50
CA VAL A 274 24.09 -13.76 4.74
C VAL A 274 23.09 -14.41 5.69
N VAL A 275 21.80 -14.29 5.35
CA VAL A 275 20.70 -15.00 5.98
C VAL A 275 20.35 -16.25 5.16
N ILE A 276 20.36 -17.41 5.84
CA ILE A 276 20.03 -18.69 5.24
C ILE A 276 18.83 -19.30 5.95
N ALA A 277 17.75 -19.50 5.21
CA ALA A 277 16.63 -20.28 5.71
C ALA A 277 16.84 -21.71 5.25
N ASP A 278 16.37 -22.67 6.07
CA ASP A 278 16.75 -24.04 5.85
C ASP A 278 15.66 -24.92 6.43
N ASP A 279 15.09 -25.82 5.59
CA ASP A 279 14.05 -26.73 6.06
C ASP A 279 14.48 -28.17 5.79
N SER A 280 15.79 -28.43 5.81
CA SER A 280 16.41 -29.76 5.80
C SER A 280 15.93 -30.60 6.98
N ASP A 281 15.76 -31.92 6.79
CA ASP A 281 15.35 -32.81 7.90
C ASP A 281 16.39 -32.92 9.01
N LYS A 282 17.64 -33.27 8.66
CA LYS A 282 18.72 -33.30 9.64
C LYS A 282 19.69 -32.21 9.23
N PRO A 283 19.48 -30.97 9.72
CA PRO A 283 20.30 -29.85 9.29
C PRO A 283 21.75 -29.92 9.77
N GLU A 284 22.67 -29.54 8.88
CA GLU A 284 24.06 -29.33 9.24
C GLU A 284 24.24 -27.94 9.84
N ARG A 285 25.32 -27.75 10.60
CA ARG A 285 25.59 -26.46 11.19
C ARG A 285 26.19 -25.60 10.10
N VAL A 286 25.62 -24.40 9.93
CA VAL A 286 26.14 -23.42 8.97
C VAL A 286 26.51 -22.18 9.75
N SER A 287 27.78 -21.84 9.70
CA SER A 287 28.23 -20.76 10.55
C SER A 287 29.50 -20.18 9.97
N GLY A 288 29.81 -18.99 10.46
CA GLY A 288 30.95 -18.22 10.00
C GLY A 288 30.63 -16.81 10.43
N PRO A 289 31.58 -15.84 10.42
CA PRO A 289 31.22 -14.48 10.71
C PRO A 289 30.15 -14.00 9.71
N TYR A 290 29.18 -13.24 10.22
CA TYR A 290 28.18 -12.53 9.43
C TYR A 290 27.23 -13.51 8.72
N VAL A 291 27.06 -14.74 9.24
CA VAL A 291 26.12 -15.70 8.68
C VAL A 291 25.04 -16.00 9.71
N GLU A 292 23.78 -15.98 9.29
CA GLU A 292 22.65 -16.25 10.16
C GLU A 292 21.84 -17.39 9.58
N HIS A 293 21.72 -18.47 10.36
CA HIS A 293 21.07 -19.69 9.93
C HIS A 293 19.73 -19.83 10.64
N TYR A 294 18.69 -20.08 9.86
CA TYR A 294 17.35 -20.23 10.39
C TYR A 294 16.89 -21.66 10.08
N LEU A 295 16.56 -22.43 11.11
CA LEU A 295 16.10 -23.80 10.91
C LEU A 295 14.57 -23.85 10.93
N MET A 296 14.00 -24.47 9.89
CA MET A 296 12.55 -24.55 9.78
C MET A 296 12.09 -26.00 9.90
N PRO A 297 10.81 -26.26 10.27
CA PRO A 297 10.29 -27.63 10.18
C PRO A 297 10.52 -28.24 8.80
N PHE A 298 11.00 -29.48 8.73
CA PHE A 298 11.34 -30.17 7.49
C PHE A 298 10.24 -30.05 6.44
N GLY A 299 10.60 -29.54 5.25
CA GLY A 299 9.68 -29.39 4.12
C GLY A 299 8.63 -28.27 4.27
N LYS A 300 8.80 -27.35 5.23
CA LYS A 300 7.93 -26.19 5.30
C LYS A 300 7.84 -25.55 3.92
N GLY A 301 8.97 -25.44 3.18
CA GLY A 301 8.85 -25.12 1.78
C GLY A 301 9.77 -24.01 1.31
N TRP A 302 9.71 -23.80 -0.03
CA TRP A 302 10.52 -22.87 -0.80
C TRP A 302 10.14 -21.42 -0.42
N PHE A 303 8.96 -20.96 -0.84
CA PHE A 303 8.62 -19.57 -0.65
C PHE A 303 8.52 -19.21 0.85
N ALA A 304 8.28 -20.20 1.73
CA ALA A 304 8.25 -19.89 3.16
C ALA A 304 9.64 -19.53 3.66
N GLY A 305 10.67 -20.26 3.22
CA GLY A 305 12.04 -19.95 3.56
C GLY A 305 12.43 -18.61 2.96
N ARG A 306 12.00 -18.35 1.71
CA ARG A 306 12.15 -17.03 1.14
C ARG A 306 11.51 -16.00 2.07
N ASN A 307 10.34 -16.27 2.59
CA ASN A 307 9.61 -15.31 3.43
C ASN A 307 10.38 -15.15 4.72
N LEU A 308 10.87 -16.29 5.25
CA LEU A 308 11.56 -16.28 6.52
C LEU A 308 12.79 -15.39 6.39
N ALA A 309 13.56 -15.64 5.35
CA ALA A 309 14.85 -14.98 5.14
C ALA A 309 14.65 -13.48 5.10
N VAL A 310 13.71 -13.06 4.26
CA VAL A 310 13.43 -11.64 4.13
C VAL A 310 12.92 -11.03 5.44
N SER A 311 12.22 -11.81 6.28
CA SER A 311 11.63 -11.24 7.48
C SER A 311 12.74 -10.79 8.43
N GLN A 312 13.97 -11.29 8.20
CA GLN A 312 15.04 -11.13 9.15
C GLN A 312 16.00 -10.04 8.71
N VAL A 313 15.81 -9.51 7.50
CA VAL A 313 16.66 -8.46 6.94
C VAL A 313 16.43 -7.12 7.65
N THR A 314 17.53 -6.46 8.04
CA THR A 314 17.50 -5.21 8.78
C THR A 314 18.03 -4.07 7.92
N THR A 315 18.42 -4.36 6.67
CA THR A 315 19.08 -3.39 5.82
C THR A 315 18.10 -2.87 4.79
N LYS A 316 18.39 -1.69 4.22
CA LYS A 316 17.52 -1.06 3.23
C LYS A 316 17.26 -2.01 2.08
N TYR A 317 18.28 -2.84 1.76
CA TYR A 317 18.23 -3.68 0.57
C TYR A 317 18.47 -5.14 0.93
N VAL A 318 17.88 -6.02 0.10
CA VAL A 318 18.09 -7.44 0.22
C VAL A 318 18.51 -7.97 -1.13
N LEU A 319 19.55 -8.82 -1.13
CA LEU A 319 19.94 -9.51 -2.35
C LEU A 319 19.49 -10.96 -2.29
N TRP A 320 18.62 -11.38 -3.22
CA TRP A 320 18.25 -12.76 -3.28
C TRP A 320 19.27 -13.47 -4.16
N VAL A 321 19.85 -14.57 -3.68
CA VAL A 321 20.59 -15.53 -4.50
C VAL A 321 20.14 -16.95 -4.14
N ASP A 322 20.18 -17.85 -5.14
CA ASP A 322 19.85 -19.23 -4.87
C ASP A 322 21.08 -19.87 -4.24
N ASP A 323 20.87 -21.00 -3.53
CA ASP A 323 21.96 -21.66 -2.82
C ASP A 323 23.00 -22.26 -3.77
N ASP A 324 22.71 -22.42 -5.07
CA ASP A 324 23.63 -23.04 -6.02
C ASP A 324 24.33 -21.99 -6.87
N PHE A 325 24.30 -20.74 -6.43
CA PHE A 325 24.93 -19.66 -7.17
C PHE A 325 26.35 -19.42 -6.63
N VAL A 326 27.15 -18.67 -7.41
CA VAL A 326 28.55 -18.44 -7.12
C VAL A 326 28.90 -17.03 -7.55
N PHE A 327 29.42 -16.23 -6.61
CA PHE A 327 29.85 -14.88 -6.86
C PHE A 327 31.14 -14.86 -7.65
N THR A 328 31.19 -13.97 -8.65
CA THR A 328 32.42 -13.71 -9.37
C THR A 328 32.75 -12.23 -9.23
N ALA A 329 33.68 -11.77 -10.07
CA ALA A 329 34.05 -10.37 -10.09
C ALA A 329 32.99 -9.60 -10.87
N ARG A 330 32.16 -10.35 -11.61
CA ARG A 330 31.08 -9.78 -12.39
C ARG A 330 29.87 -9.50 -11.49
N THR A 331 29.88 -10.04 -10.26
CA THR A 331 28.75 -9.87 -9.35
C THR A 331 28.94 -8.57 -8.57
N ARG A 332 28.89 -7.42 -9.26
CA ARG A 332 29.26 -6.17 -8.62
C ARG A 332 27.99 -5.55 -8.06
N LEU A 333 27.77 -5.73 -6.74
CA LEU A 333 26.50 -5.38 -6.11
C LEU A 333 26.32 -3.86 -6.09
N GLU A 334 27.47 -3.14 -6.01
CA GLU A 334 27.51 -1.69 -6.04
C GLU A 334 26.66 -1.17 -7.19
N ARG A 335 26.68 -1.94 -8.29
CA ARG A 335 26.08 -1.51 -9.53
C ARG A 335 24.55 -1.59 -9.38
N LEU A 336 24.10 -2.68 -8.75
CA LEU A 336 22.68 -2.85 -8.44
C LEU A 336 22.24 -1.82 -7.39
N VAL A 337 23.01 -1.69 -6.30
CA VAL A 337 22.75 -0.66 -5.31
C VAL A 337 22.53 0.68 -6.01
N ASP A 338 23.41 0.97 -6.98
CA ASP A 338 23.37 2.21 -7.72
C ASP A 338 22.01 2.38 -8.40
N VAL A 339 21.57 1.37 -9.13
CA VAL A 339 20.29 1.50 -9.80
C VAL A 339 19.14 1.84 -8.83
N LEU A 340 19.14 1.21 -7.64
CA LEU A 340 18.03 1.44 -6.71
C LEU A 340 18.14 2.79 -6.02
N GLU A 341 19.38 3.23 -5.79
CA GLU A 341 19.64 4.54 -5.21
C GLU A 341 19.26 5.67 -6.17
N ARG A 342 19.37 5.47 -7.48
CA ARG A 342 19.28 6.56 -8.42
C ARG A 342 18.01 6.49 -9.27
N THR A 343 17.16 5.47 -9.09
CA THR A 343 15.93 5.36 -9.87
C THR A 343 14.79 4.98 -8.95
N PRO A 344 13.52 5.18 -9.37
CA PRO A 344 12.37 4.71 -8.60
C PRO A 344 12.10 3.20 -8.61
N LEU A 345 13.05 2.38 -9.09
CA LEU A 345 12.88 0.94 -9.08
C LEU A 345 12.85 0.41 -7.66
N ASP A 346 12.17 -0.74 -7.47
CA ASP A 346 12.07 -1.38 -6.18
C ASP A 346 12.94 -2.61 -6.16
N LEU A 347 13.12 -3.20 -7.35
CA LEU A 347 13.79 -4.48 -7.49
C LEU A 347 14.53 -4.46 -8.82
N VAL A 348 15.79 -4.93 -8.83
CA VAL A 348 16.58 -4.93 -10.04
C VAL A 348 17.32 -6.26 -10.13
N GLY A 349 17.07 -7.01 -11.21
CA GLY A 349 17.59 -8.34 -11.34
C GLY A 349 18.91 -8.26 -12.07
N GLY A 350 19.83 -9.17 -11.74
CA GLY A 350 21.06 -9.37 -12.47
C GLY A 350 20.89 -10.48 -13.50
N ALA A 351 22.01 -11.10 -13.87
CA ALA A 351 22.02 -12.18 -14.85
C ALA A 351 22.70 -13.39 -14.20
N VAL A 352 22.13 -14.57 -14.48
CA VAL A 352 22.69 -15.81 -13.98
C VAL A 352 23.28 -16.57 -15.16
N ARG A 353 24.58 -16.89 -15.04
CA ARG A 353 25.37 -17.44 -16.11
C ARG A 353 25.69 -18.89 -15.81
N GLU A 354 25.39 -19.76 -16.77
CA GLU A 354 25.78 -21.17 -16.71
C GLU A 354 27.28 -21.35 -16.97
N ILE A 355 27.80 -22.50 -16.52
CA ILE A 355 29.13 -23.00 -16.86
C ILE A 355 29.39 -22.94 -18.36
N SER A 356 28.36 -23.22 -19.17
CA SER A 356 28.34 -23.11 -20.62
C SER A 356 28.60 -21.69 -21.12
N GLY A 357 28.60 -20.67 -20.25
CA GLY A 357 28.86 -19.29 -20.65
C GLY A 357 27.61 -18.51 -21.05
N PHE A 358 26.50 -19.21 -21.28
CA PHE A 358 25.20 -18.57 -21.50
C PHE A 358 24.68 -17.95 -20.18
N ALA A 359 24.12 -16.73 -20.30
CA ALA A 359 23.55 -16.00 -19.17
C ALA A 359 22.09 -15.61 -19.45
N THR A 360 21.28 -15.65 -18.38
CA THR A 360 19.89 -15.27 -18.51
C THR A 360 19.57 -14.15 -17.52
N THR A 361 18.72 -13.21 -17.94
CA THR A 361 18.16 -12.22 -17.03
C THR A 361 16.71 -12.58 -16.71
N TYR A 362 16.21 -13.64 -17.38
CA TYR A 362 14.82 -14.07 -17.37
C TYR A 362 13.83 -12.89 -17.26
N ARG A 363 14.02 -11.86 -18.12
CA ARG A 363 13.15 -10.71 -18.14
C ARG A 363 11.77 -11.16 -18.59
N GLN A 364 10.75 -10.98 -17.73
CA GLN A 364 9.43 -11.48 -18.07
C GLN A 364 8.38 -10.39 -17.99
N LEU A 365 7.42 -10.42 -18.93
CA LEU A 365 6.20 -9.62 -18.87
C LEU A 365 5.01 -10.45 -18.35
N LEU A 366 4.28 -9.90 -17.36
CA LEU A 366 3.05 -10.49 -16.84
C LEU A 366 1.96 -9.45 -16.99
N SER A 367 0.82 -9.86 -17.49
CA SER A 367 -0.30 -8.94 -17.56
C SER A 367 -1.57 -9.73 -17.29
N VAL A 368 -2.52 -9.08 -16.60
CA VAL A 368 -3.80 -9.71 -16.37
C VAL A 368 -4.85 -9.06 -17.26
N GLU A 369 -5.59 -9.92 -17.97
CA GLU A 369 -6.62 -9.45 -18.88
C GLU A 369 -7.98 -9.81 -18.32
N PRO A 370 -8.95 -8.86 -18.42
CA PRO A 370 -10.27 -9.05 -17.85
C PRO A 370 -11.10 -10.13 -18.55
N GLY A 371 -11.66 -11.05 -17.75
CA GLY A 371 -12.52 -12.10 -18.27
C GLY A 371 -14.00 -11.78 -18.10
N ALA A 372 -14.85 -12.70 -18.58
CA ALA A 372 -16.29 -12.52 -18.44
C ALA A 372 -16.69 -12.56 -16.96
N PRO A 373 -17.85 -11.97 -16.61
CA PRO A 373 -18.19 -11.79 -15.20
C PRO A 373 -18.27 -13.13 -14.46
N GLY A 374 -17.50 -13.26 -13.37
CA GLY A 374 -17.58 -14.44 -12.52
C GLY A 374 -16.72 -15.61 -12.97
N LEU A 375 -16.04 -15.48 -14.12
CA LEU A 375 -15.17 -16.54 -14.62
C LEU A 375 -13.79 -16.35 -14.04
N GLY A 376 -13.43 -15.06 -13.86
CA GLY A 376 -12.11 -14.64 -13.46
C GLY A 376 -11.32 -14.15 -14.67
N ASN A 377 -10.08 -13.72 -14.41
CA ASN A 377 -9.21 -13.08 -15.38
C ASN A 377 -8.22 -14.08 -15.98
N CYS A 378 -7.49 -13.62 -17.00
CA CYS A 378 -6.50 -14.41 -17.73
C CYS A 378 -5.12 -13.78 -17.51
N LEU A 379 -4.15 -14.57 -17.06
CA LEU A 379 -2.78 -14.08 -16.99
C LEU A 379 -1.98 -14.46 -18.25
N ARG A 380 -1.28 -13.45 -18.82
CA ARG A 380 -0.37 -13.71 -19.92
C ARG A 380 1.05 -13.48 -19.43
N GLN A 381 1.87 -14.53 -19.45
CA GLN A 381 3.30 -14.39 -19.26
C GLN A 381 3.96 -14.52 -20.63
N ARG A 382 4.93 -13.63 -20.89
CA ARG A 382 5.71 -13.69 -22.12
C ARG A 382 7.08 -13.10 -21.81
N ARG A 383 8.12 -13.60 -22.47
CA ARG A 383 9.48 -13.09 -22.26
C ARG A 383 9.52 -11.67 -22.80
N GLY A 384 10.32 -10.80 -22.21
CA GLY A 384 10.47 -9.46 -22.75
C GLY A 384 10.58 -8.42 -21.65
N PHE A 385 10.56 -7.15 -22.05
CA PHE A 385 10.67 -6.00 -21.16
C PHE A 385 9.84 -4.84 -21.68
N HIS A 386 9.71 -3.75 -20.89
CA HIS A 386 8.83 -2.67 -21.31
C HIS A 386 9.61 -1.63 -22.12
N HIS A 387 10.75 -1.19 -21.58
CA HIS A 387 11.58 -0.20 -22.23
C HIS A 387 12.95 -0.27 -21.56
N GLU A 388 13.96 0.38 -22.18
CA GLU A 388 15.27 0.56 -21.60
C GLU A 388 15.19 1.56 -20.46
N LEU A 389 16.00 1.33 -19.42
CA LEU A 389 16.07 2.22 -18.27
C LEU A 389 17.01 3.37 -18.61
N VAL A 390 16.44 4.56 -18.81
CA VAL A 390 17.22 5.71 -19.26
C VAL A 390 18.36 6.00 -18.29
N GLY A 391 19.58 6.06 -18.82
CA GLY A 391 20.72 6.48 -18.02
C GLY A 391 21.56 5.27 -17.60
N PHE A 392 21.05 4.05 -17.87
CA PHE A 392 21.68 2.83 -17.42
C PHE A 392 21.70 1.76 -18.51
N PRO A 393 22.72 1.78 -19.40
CA PRO A 393 22.81 0.84 -20.50
C PRO A 393 22.81 -0.60 -20.02
N GLY A 394 22.03 -1.43 -20.73
CA GLY A 394 21.92 -2.86 -20.45
C GLY A 394 20.84 -3.16 -19.42
N CYS A 395 20.19 -2.11 -18.88
CA CYS A 395 19.13 -2.26 -17.92
C CYS A 395 17.79 -1.92 -18.56
N VAL A 396 16.77 -2.73 -18.23
CA VAL A 396 15.46 -2.50 -18.78
C VAL A 396 14.45 -2.54 -17.63
N VAL A 397 13.24 -2.10 -17.90
CA VAL A 397 12.12 -2.24 -16.98
C VAL A 397 11.25 -3.37 -17.51
N THR A 398 10.95 -4.32 -16.64
CA THR A 398 10.11 -5.45 -17.03
C THR A 398 9.23 -5.76 -15.82
N ASP A 399 8.59 -6.95 -15.80
CA ASP A 399 7.63 -7.30 -14.77
C ASP A 399 8.20 -8.38 -13.86
N GLY A 400 9.14 -9.17 -14.39
CA GLY A 400 9.73 -10.23 -13.60
C GLY A 400 11.14 -10.53 -14.09
N VAL A 401 12.00 -11.02 -13.19
CA VAL A 401 13.38 -11.32 -13.52
C VAL A 401 13.77 -12.69 -12.99
N VAL A 402 15.05 -13.03 -13.05
CA VAL A 402 15.55 -14.31 -12.58
C VAL A 402 15.80 -14.22 -11.08
N ASN A 403 16.19 -15.36 -10.47
CA ASN A 403 16.36 -15.40 -9.04
C ASN A 403 17.69 -14.81 -8.56
N PHE A 404 18.13 -13.72 -9.19
CA PHE A 404 19.27 -12.97 -8.72
C PHE A 404 18.86 -11.53 -8.85
N PHE A 405 18.53 -10.91 -7.70
CA PHE A 405 18.04 -9.54 -7.75
C PHE A 405 18.33 -8.80 -6.43
N LEU A 406 18.56 -7.49 -6.55
CA LEU A 406 18.62 -6.63 -5.37
C LEU A 406 17.29 -5.89 -5.29
N ALA A 407 16.77 -5.77 -4.06
CA ALA A 407 15.49 -5.10 -3.92
C ALA A 407 15.44 -4.36 -2.59
N ARG A 408 14.58 -3.34 -2.56
CA ARG A 408 14.19 -2.68 -1.34
C ARG A 408 13.51 -3.71 -0.45
N THR A 409 14.12 -3.99 0.73
CA THR A 409 13.62 -4.98 1.66
C THR A 409 12.13 -4.80 1.93
N ASP A 410 11.75 -3.55 2.19
CA ASP A 410 10.38 -3.23 2.54
C ASP A 410 9.41 -3.65 1.45
N LYS A 411 9.76 -3.39 0.18
CA LYS A 411 8.84 -3.72 -0.91
C LYS A 411 8.72 -5.23 -1.06
N VAL A 412 9.83 -5.93 -0.80
CA VAL A 412 9.78 -7.37 -0.88
C VAL A 412 8.83 -7.92 0.17
N ARG A 413 8.98 -7.41 1.39
CA ARG A 413 8.18 -7.89 2.49
C ARG A 413 6.73 -7.51 2.24
N GLU A 414 6.54 -6.34 1.65
CA GLU A 414 5.20 -5.82 1.35
C GLU A 414 4.46 -6.73 0.36
N VAL A 415 5.18 -7.24 -0.66
CA VAL A 415 4.63 -8.23 -1.58
C VAL A 415 4.58 -9.62 -0.96
N GLY A 416 5.69 -10.10 -0.38
CA GLY A 416 5.80 -11.38 0.30
C GLY A 416 6.08 -12.56 -0.65
N PHE A 417 6.64 -13.62 -0.07
CA PHE A 417 6.76 -14.92 -0.73
C PHE A 417 5.74 -15.82 -0.06
N ASP A 418 4.61 -15.97 -0.74
CA ASP A 418 3.46 -16.65 -0.15
C ASP A 418 3.90 -18.02 0.36
N PRO A 419 3.82 -18.25 1.69
CA PRO A 419 4.36 -19.47 2.26
C PRO A 419 3.67 -20.74 1.76
N ARG A 420 2.54 -20.56 1.10
CA ARG A 420 1.75 -21.67 0.57
C ARG A 420 2.44 -22.29 -0.66
N LEU A 421 3.37 -21.53 -1.27
CA LEU A 421 4.07 -22.03 -2.43
C LEU A 421 5.27 -22.81 -1.94
N SER A 422 5.02 -24.02 -1.48
CA SER A 422 6.03 -24.76 -0.74
C SER A 422 7.02 -25.41 -1.67
N ARG A 423 6.73 -25.44 -2.98
CA ARG A 423 7.48 -26.35 -3.83
C ARG A 423 8.00 -25.66 -5.09
N VAL A 424 7.16 -25.51 -6.10
CA VAL A 424 7.73 -25.02 -7.35
C VAL A 424 7.08 -23.68 -7.62
N ALA A 425 7.92 -22.63 -7.72
CA ALA A 425 7.39 -21.27 -7.77
C ALA A 425 8.52 -20.31 -8.08
N HIS A 426 8.22 -19.32 -8.92
CA HIS A 426 9.16 -18.24 -9.15
C HIS A 426 8.38 -17.01 -9.53
N LEU A 427 7.67 -17.05 -10.65
CA LEU A 427 7.01 -15.84 -11.13
C LEU A 427 5.85 -15.44 -10.23
N GLU A 428 5.38 -16.35 -9.39
CA GLU A 428 4.27 -16.09 -8.49
C GLU A 428 4.58 -14.92 -7.56
N PHE A 429 5.86 -14.77 -7.19
CA PHE A 429 6.23 -13.58 -6.43
C PHE A 429 5.96 -12.33 -7.27
N PHE A 430 6.36 -12.37 -8.55
CA PHE A 430 6.26 -11.19 -9.38
C PHE A 430 4.81 -10.85 -9.72
N LEU A 431 3.94 -11.85 -9.68
CA LEU A 431 2.54 -11.66 -9.97
C LEU A 431 1.85 -11.15 -8.71
N ASP A 432 2.20 -11.66 -7.53
CA ASP A 432 1.75 -11.04 -6.29
C ASP A 432 2.14 -9.57 -6.27
N GLY A 433 3.32 -9.24 -6.79
CA GLY A 433 3.88 -7.91 -6.79
C GLY A 433 3.36 -7.05 -7.93
N LEU A 434 2.53 -7.64 -8.80
CA LEU A 434 2.24 -6.96 -10.07
C LEU A 434 1.64 -5.59 -9.78
N GLY A 435 2.34 -4.57 -10.23
CA GLY A 435 1.81 -3.21 -10.24
C GLY A 435 2.32 -2.45 -9.02
N SER A 436 2.68 -3.21 -7.99
CA SER A 436 3.14 -2.71 -6.72
C SER A 436 4.66 -2.63 -6.72
N LEU A 437 5.31 -3.53 -7.45
CA LEU A 437 6.76 -3.58 -7.46
C LEU A 437 7.25 -3.04 -8.81
N ARG A 438 8.18 -2.09 -8.74
CA ARG A 438 8.83 -1.50 -9.87
C ARG A 438 10.09 -2.30 -10.17
N VAL A 439 10.02 -3.10 -11.24
CA VAL A 439 11.06 -4.08 -11.51
C VAL A 439 11.90 -3.66 -12.70
N GLY A 440 13.22 -3.85 -12.53
CA GLY A 440 14.21 -3.68 -13.58
C GLY A 440 15.18 -4.83 -13.64
N SER A 441 16.09 -4.80 -14.63
CA SER A 441 16.93 -5.95 -14.95
C SER A 441 18.13 -5.46 -15.72
N CYS A 442 19.31 -5.75 -15.18
CA CYS A 442 20.60 -5.30 -15.70
C CYS A 442 21.44 -6.51 -16.09
N SER A 443 21.91 -6.57 -17.36
CA SER A 443 22.58 -7.79 -17.83
C SER A 443 24.06 -7.83 -17.46
N ASP A 444 24.60 -6.71 -16.98
CA ASP A 444 26.04 -6.59 -16.76
C ASP A 444 26.40 -6.99 -15.34
N VAL A 445 25.41 -7.26 -14.49
CA VAL A 445 25.73 -7.73 -13.15
C VAL A 445 25.44 -9.22 -13.11
N VAL A 446 26.47 -10.04 -12.90
CA VAL A 446 26.39 -11.44 -13.29
C VAL A 446 26.82 -12.33 -12.14
N VAL A 447 26.00 -13.37 -11.91
CA VAL A 447 26.35 -14.39 -10.93
C VAL A 447 26.36 -15.75 -11.63
N ASP A 448 27.19 -16.67 -11.14
CA ASP A 448 27.36 -17.94 -11.82
C ASP A 448 26.43 -18.96 -11.20
N HIS A 449 25.90 -19.86 -12.02
CA HIS A 449 25.12 -20.99 -11.53
C HIS A 449 26.00 -22.24 -11.60
N ALA A 450 26.21 -22.88 -10.45
CA ALA A 450 27.06 -24.05 -10.29
C ALA A 450 26.46 -25.21 -11.09
N SER A 451 27.32 -26.06 -11.69
CA SER A 451 26.95 -26.88 -12.85
C SER A 451 25.67 -27.70 -12.61
N TYR A 470 13.99 -37.42 -2.94
CA TYR A 470 15.43 -37.14 -2.71
C TYR A 470 15.68 -35.63 -2.61
N ARG A 471 14.90 -34.83 -3.37
CA ARG A 471 14.90 -33.36 -3.31
C ARG A 471 13.48 -32.79 -3.31
N TYR A 472 12.46 -33.63 -3.05
CA TYR A 472 11.06 -33.24 -3.13
C TYR A 472 10.21 -34.38 -2.56
N PRO A 473 9.85 -34.37 -1.25
CA PRO A 473 9.10 -35.48 -0.65
C PRO A 473 7.59 -35.37 -0.88
N GLY A 474 7.08 -36.18 -1.83
CA GLY A 474 5.65 -36.23 -2.14
C GLY A 474 5.36 -35.96 -3.62
N SER A 475 4.08 -35.76 -3.96
CA SER A 475 3.66 -35.71 -5.35
C SER A 475 3.83 -34.28 -5.90
N LEU A 476 4.78 -34.12 -6.83
CA LEU A 476 4.94 -32.88 -7.56
C LEU A 476 3.62 -32.48 -8.23
N ASP A 477 2.99 -33.45 -8.89
CA ASP A 477 1.70 -33.28 -9.54
C ASP A 477 0.70 -32.62 -8.58
N GLU A 478 0.62 -33.14 -7.35
CA GLU A 478 -0.24 -32.58 -6.31
C GLU A 478 0.13 -31.11 -6.09
N SER A 479 1.40 -30.85 -5.73
CA SER A 479 1.91 -29.48 -5.53
C SER A 479 1.47 -28.56 -6.66
N GLN A 480 1.49 -29.06 -7.91
CA GLN A 480 1.16 -28.27 -9.08
C GLN A 480 -0.35 -27.98 -9.09
N MET A 481 -1.15 -29.03 -8.87
CA MET A 481 -2.60 -28.85 -8.82
C MET A 481 -2.92 -27.87 -7.68
N ALA A 482 -2.26 -28.05 -6.55
CA ALA A 482 -2.43 -27.21 -5.38
C ALA A 482 -2.15 -25.77 -5.78
N LYS A 483 -1.04 -25.54 -6.49
CA LYS A 483 -0.67 -24.19 -6.88
C LYS A 483 -1.73 -23.61 -7.80
N HIS A 484 -2.23 -24.46 -8.71
CA HIS A 484 -3.16 -23.94 -9.70
C HIS A 484 -4.43 -23.50 -9.01
N ARG A 485 -4.86 -24.27 -7.99
CA ARG A 485 -6.09 -23.98 -7.24
C ARG A 485 -5.88 -22.68 -6.48
N LEU A 486 -4.68 -22.54 -5.92
CA LEU A 486 -4.33 -21.36 -5.15
C LEU A 486 -4.34 -20.15 -6.07
N LEU A 487 -3.72 -20.27 -7.25
CA LEU A 487 -3.67 -19.10 -8.10
C LEU A 487 -5.07 -18.74 -8.59
N PHE A 488 -5.86 -19.77 -8.90
CA PHE A 488 -7.24 -19.60 -9.32
C PHE A 488 -7.95 -18.73 -8.29
N PHE A 489 -7.87 -19.16 -7.02
CA PHE A 489 -8.59 -18.49 -5.95
C PHE A 489 -8.00 -17.11 -5.64
N LYS A 490 -6.75 -17.10 -5.23
CA LYS A 490 -6.08 -15.94 -4.68
C LYS A 490 -6.07 -14.75 -5.67
N HIS A 491 -5.88 -15.01 -6.98
CA HIS A 491 -5.77 -13.94 -7.97
C HIS A 491 -7.01 -13.81 -8.88
N ARG A 492 -8.07 -14.55 -8.57
CA ARG A 492 -9.24 -14.53 -9.43
C ARG A 492 -8.84 -14.81 -10.89
N LEU A 493 -8.15 -15.92 -11.13
CA LEU A 493 -7.73 -16.25 -12.48
C LEU A 493 -8.54 -17.44 -12.96
N GLN A 494 -8.94 -17.39 -14.24
CA GLN A 494 -9.51 -18.58 -14.87
C GLN A 494 -8.43 -19.41 -15.52
N CYS A 495 -7.45 -18.73 -16.11
CA CYS A 495 -6.53 -19.41 -16.99
C CYS A 495 -5.28 -18.55 -17.19
N MET A 496 -4.27 -19.13 -17.84
CA MET A 496 -2.99 -18.47 -18.02
C MET A 496 -2.35 -18.98 -19.32
N THR A 497 -1.63 -18.12 -20.06
CA THR A 497 -0.75 -18.54 -21.15
C THR A 497 0.70 -18.26 -20.77
N SER A 498 1.55 -19.27 -20.96
CA SER A 498 3.01 -19.14 -20.83
C SER A 498 3.66 -19.14 -22.22
N GLN A 499 4.70 -18.30 -22.40
CA GLN A 499 5.16 -17.89 -23.74
C GLN A 499 6.70 -17.72 -23.76
N LEU B 17 2.88 27.49 8.07
CA LEU B 17 2.33 27.24 6.70
C LEU B 17 1.05 28.05 6.48
N PRO B 18 0.04 28.05 7.39
CA PRO B 18 -1.22 28.72 7.09
C PRO B 18 -1.07 30.22 6.81
N ASP B 19 -1.49 30.63 5.61
CA ASP B 19 -1.56 32.05 5.26
C ASP B 19 -3.00 32.52 5.31
N LEU B 20 -3.23 33.46 6.25
CA LEU B 20 -4.52 34.08 6.44
C LEU B 20 -4.47 35.53 5.97
N ALA B 21 -3.29 35.99 5.51
CA ALA B 21 -3.11 37.34 5.03
C ALA B 21 -3.88 37.53 3.71
N PRO B 22 -4.57 38.69 3.51
CA PRO B 22 -5.37 38.89 2.30
C PRO B 22 -4.51 39.20 1.08
N GLU B 23 -4.86 38.59 -0.05
CA GLU B 23 -4.37 39.03 -1.34
C GLU B 23 -4.79 40.49 -1.52
N PRO B 24 -3.97 41.33 -2.20
CA PRO B 24 -4.27 42.75 -2.34
C PRO B 24 -5.70 43.07 -2.78
N ARG B 25 -6.32 42.12 -3.50
CA ARG B 25 -7.68 42.18 -4.03
C ARG B 25 -8.70 42.43 -2.92
N TYR B 26 -8.40 41.95 -1.70
CA TYR B 26 -9.37 41.99 -0.62
C TYR B 26 -8.77 42.57 0.66
N ALA B 27 -7.57 43.15 0.59
CA ALA B 27 -6.89 43.73 1.74
C ALA B 27 -7.78 44.77 2.42
N HIS B 28 -8.71 45.34 1.63
CA HIS B 28 -9.59 46.43 2.06
C HIS B 28 -10.81 45.88 2.80
N ILE B 29 -10.91 44.55 2.93
CA ILE B 29 -12.04 43.92 3.60
C ILE B 29 -11.61 43.50 5.01
N PRO B 30 -12.34 43.94 6.06
CA PRO B 30 -12.01 43.57 7.42
C PRO B 30 -12.50 42.18 7.85
N VAL B 31 -11.63 41.48 8.59
CA VAL B 31 -11.79 40.09 9.02
C VAL B 31 -11.39 40.03 10.49
N ARG B 32 -12.24 39.43 11.34
CA ARG B 32 -11.84 39.16 12.72
C ARG B 32 -11.55 37.68 12.84
N ILE B 33 -10.29 37.35 13.19
CA ILE B 33 -9.77 36.01 13.40
C ILE B 33 -10.59 35.29 14.48
N LYS B 34 -10.93 34.03 14.20
CA LYS B 34 -11.49 33.11 15.17
C LYS B 34 -10.35 32.28 15.77
N GLU B 35 -9.94 32.66 16.98
CA GLU B 35 -8.81 32.02 17.64
C GLU B 35 -9.02 30.51 17.76
N GLN B 36 -10.25 30.12 18.12
CA GLN B 36 -10.54 28.72 18.43
C GLN B 36 -10.44 27.87 17.17
N VAL B 37 -10.52 28.50 15.99
CA VAL B 37 -10.49 27.76 14.73
C VAL B 37 -9.07 27.73 14.14
N VAL B 38 -8.40 28.90 14.16
CA VAL B 38 -7.00 29.01 13.78
C VAL B 38 -6.12 28.08 14.63
N GLY B 39 -6.60 27.78 15.85
CA GLY B 39 -5.97 26.87 16.79
C GLY B 39 -6.04 25.42 16.34
N LEU B 40 -6.98 25.09 15.45
CA LEU B 40 -7.17 23.74 14.93
C LEU B 40 -6.21 23.44 13.78
N LEU B 41 -5.56 24.46 13.21
CA LEU B 41 -4.69 24.26 12.07
C LEU B 41 -3.30 23.77 12.50
N ALA B 42 -2.57 23.20 11.55
CA ALA B 42 -1.21 22.73 11.76
C ALA B 42 -0.23 23.89 11.67
N TRP B 43 0.42 24.19 12.79
CA TRP B 43 1.32 25.33 12.89
C TRP B 43 2.78 24.89 12.84
N ASN B 44 3.01 23.58 12.65
CA ASN B 44 4.33 23.04 12.38
C ASN B 44 5.33 23.50 13.43
N ASN B 45 4.90 23.46 14.70
CA ASN B 45 5.72 23.98 15.79
C ASN B 45 5.63 23.10 17.03
N CYS B 46 5.25 21.83 16.84
CA CYS B 46 5.04 20.91 17.97
C CYS B 46 6.30 20.77 18.82
N SER B 47 6.12 20.47 20.11
CA SER B 47 7.19 20.08 21.02
C SER B 47 6.64 19.05 21.99
N CYS B 48 7.51 18.48 22.82
CA CYS B 48 7.11 17.46 23.77
C CYS B 48 7.52 17.90 25.16
N GLU B 49 6.55 18.15 26.06
CA GLU B 49 6.89 18.61 27.41
C GLU B 49 6.32 17.65 28.46
N SER B 50 7.13 17.38 29.49
CA SER B 50 6.74 16.57 30.63
C SER B 50 5.74 17.30 31.52
N SER B 51 4.78 16.54 32.08
CA SER B 51 4.07 16.93 33.29
C SER B 51 5.07 17.37 34.35
N GLY B 52 4.77 18.44 35.08
CA GLY B 52 5.58 18.80 36.23
C GLY B 52 5.85 17.57 37.09
N GLY B 53 7.09 17.44 37.55
CA GLY B 53 7.39 16.32 38.42
C GLY B 53 6.89 16.59 39.84
N GLY B 54 7.24 15.69 40.74
CA GLY B 54 6.63 15.74 42.06
C GLY B 54 5.59 14.63 42.13
N LEU B 55 4.96 14.58 43.31
CA LEU B 55 3.93 13.60 43.62
C LEU B 55 2.72 13.85 42.72
N PRO B 56 2.14 12.78 42.13
CA PRO B 56 0.97 12.94 41.26
C PRO B 56 -0.32 13.33 41.97
N LEU B 57 -1.18 14.09 41.27
CA LEU B 57 -2.50 14.52 41.74
C LEU B 57 -3.57 13.60 41.16
N PRO B 58 -4.64 13.24 41.90
CA PRO B 58 -5.54 12.16 41.59
C PRO B 58 -6.16 12.14 40.20
N PHE B 59 -6.40 13.31 39.57
CA PHE B 59 -7.15 13.22 38.32
C PHE B 59 -6.28 13.40 37.09
N GLN B 60 -5.18 14.15 37.24
CA GLN B 60 -4.08 14.33 36.29
C GLN B 60 -3.43 12.98 35.94
N LYS B 61 -3.00 12.84 34.69
CA LYS B 61 -2.17 11.70 34.30
C LYS B 61 -0.79 12.25 33.93
N GLN B 62 0.26 11.50 34.30
CA GLN B 62 1.62 11.97 34.18
C GLN B 62 2.07 11.79 32.73
N VAL B 63 2.57 12.87 32.13
CA VAL B 63 3.04 12.91 30.75
C VAL B 63 4.57 12.97 30.76
N ARG B 64 5.23 11.99 30.12
CA ARG B 64 6.68 12.00 30.08
C ARG B 64 7.17 12.34 28.66
N ALA B 65 8.14 13.26 28.55
CA ALA B 65 8.71 13.60 27.26
C ALA B 65 10.02 12.84 27.08
N ILE B 66 10.25 12.31 25.87
CA ILE B 66 11.58 11.92 25.43
C ILE B 66 11.98 12.82 24.27
N ASP B 67 13.16 13.43 24.41
CA ASP B 67 13.87 14.09 23.33
C ASP B 67 14.79 13.07 22.66
N LEU B 68 14.38 12.65 21.46
CA LEU B 68 15.09 11.66 20.67
C LEU B 68 16.46 12.16 20.21
N THR B 69 16.62 13.49 20.12
CA THR B 69 17.89 14.05 19.69
C THR B 69 18.98 13.75 20.71
N LYS B 70 18.60 13.58 21.99
CA LYS B 70 19.55 13.31 23.06
C LYS B 70 20.17 11.90 22.97
N ALA B 71 19.70 11.05 22.04
CA ALA B 71 20.26 9.72 21.87
C ALA B 71 21.53 9.73 21.01
N PHE B 72 22.01 10.93 20.59
CA PHE B 72 23.19 11.10 19.73
C PHE B 72 24.09 12.21 20.27
N ASP B 73 25.42 12.09 20.06
CA ASP B 73 26.40 13.16 20.17
C ASP B 73 26.06 14.28 19.19
N PRO B 74 26.40 15.56 19.46
CA PRO B 74 26.02 16.65 18.56
C PRO B 74 26.47 16.45 17.11
N ALA B 75 27.62 15.76 16.99
CA ALA B 75 28.23 15.25 15.76
C ALA B 75 27.30 14.27 15.06
N GLU B 76 26.87 13.24 15.80
CA GLU B 76 26.03 12.21 15.23
C GLU B 76 24.69 12.84 14.86
N LEU B 77 24.21 13.77 15.71
CA LEU B 77 22.90 14.35 15.47
C LEU B 77 22.84 15.09 14.13
N ARG B 78 23.90 15.88 13.85
CA ARG B 78 23.91 16.73 12.68
C ARG B 78 23.93 15.83 11.44
N ALA B 79 24.78 14.78 11.51
CA ALA B 79 24.88 13.76 10.48
C ALA B 79 23.54 13.09 10.20
N ALA B 80 22.89 12.59 11.25
CA ALA B 80 21.61 11.92 11.09
C ALA B 80 20.54 12.90 10.61
N SER B 81 20.54 14.17 11.08
CA SER B 81 19.46 15.04 10.61
C SER B 81 19.61 15.31 9.11
N ALA B 82 20.87 15.32 8.63
CA ALA B 82 21.13 15.62 7.24
C ALA B 82 20.72 14.42 6.39
N THR B 83 21.27 13.25 6.74
CA THR B 83 20.97 11.99 6.07
C THR B 83 19.47 11.73 6.10
N ARG B 84 18.80 12.06 7.20
CA ARG B 84 17.38 11.79 7.33
C ARG B 84 16.61 12.71 6.37
N GLU B 85 17.08 13.93 6.20
CA GLU B 85 16.40 14.87 5.32
C GLU B 85 16.51 14.37 3.87
N GLN B 86 17.71 13.89 3.55
CA GLN B 86 18.03 13.38 2.22
C GLN B 86 17.12 12.20 1.89
N GLU B 87 17.05 11.24 2.80
CA GLU B 87 16.26 10.05 2.59
C GLU B 87 14.78 10.39 2.49
N PHE B 88 14.34 11.36 3.28
CA PHE B 88 12.95 11.78 3.22
C PHE B 88 12.63 12.37 1.84
N GLN B 89 13.48 13.27 1.33
CA GLN B 89 13.29 13.87 0.01
C GLN B 89 13.25 12.79 -1.07
N ALA B 90 14.16 11.81 -0.98
CA ALA B 90 14.10 10.68 -1.89
C ALA B 90 12.74 9.99 -1.82
N PHE B 91 12.27 9.77 -0.59
CA PHE B 91 11.03 9.05 -0.35
C PHE B 91 9.88 9.81 -1.01
N LEU B 92 9.82 11.13 -0.78
CA LEU B 92 8.80 11.97 -1.38
C LEU B 92 8.81 11.78 -2.90
N SER B 93 10.01 11.88 -3.51
CA SER B 93 10.14 11.86 -4.96
C SER B 93 9.59 10.56 -5.55
N ARG B 94 9.73 9.43 -4.86
CA ARG B 94 9.34 8.12 -5.40
C ARG B 94 7.84 7.89 -5.18
N SER B 95 7.25 8.63 -4.25
CA SER B 95 5.95 8.27 -3.71
C SER B 95 4.88 9.23 -4.23
N GLN B 96 5.27 10.47 -4.56
CA GLN B 96 4.33 11.53 -4.89
C GLN B 96 3.84 11.39 -6.32
N SER B 97 2.65 11.94 -6.61
CA SER B 97 1.96 11.72 -7.87
C SER B 97 1.35 13.00 -8.40
N PRO B 98 1.25 13.20 -9.73
CA PRO B 98 0.41 14.28 -10.26
C PRO B 98 -1.03 14.27 -9.76
N ALA B 99 -1.51 13.12 -9.23
CA ALA B 99 -2.88 13.02 -8.75
C ALA B 99 -3.02 13.67 -7.38
N ASP B 100 -1.88 14.07 -6.79
CA ASP B 100 -1.86 14.63 -5.46
C ASP B 100 -1.86 16.16 -5.58
N GLN B 101 -1.58 16.68 -6.78
CA GLN B 101 -1.49 18.11 -7.01
C GLN B 101 -2.88 18.75 -6.85
N LEU B 102 -2.88 19.95 -6.26
CA LEU B 102 -4.06 20.79 -6.15
C LEU B 102 -4.47 21.30 -7.54
N LEU B 103 -5.67 20.93 -7.99
CA LEU B 103 -6.29 21.52 -9.17
C LEU B 103 -7.57 22.27 -8.77
N ILE B 104 -7.73 23.50 -9.28
CA ILE B 104 -8.95 24.28 -9.11
C ILE B 104 -9.76 24.24 -10.42
N ALA B 105 -11.02 23.80 -10.33
CA ALA B 105 -11.98 23.92 -11.42
C ALA B 105 -12.26 25.39 -11.65
N PRO B 106 -12.07 25.92 -12.89
CA PRO B 106 -12.44 27.30 -13.19
C PRO B 106 -13.96 27.49 -13.24
N ALA B 107 -14.41 28.69 -12.90
CA ALA B 107 -15.82 29.07 -13.06
C ALA B 107 -16.14 29.42 -14.50
N ASN B 108 -17.41 29.23 -14.89
CA ASN B 108 -18.00 29.77 -16.11
C ASN B 108 -17.25 29.27 -17.35
N SER B 109 -17.00 27.96 -17.38
CA SER B 109 -16.41 27.32 -18.55
C SER B 109 -17.49 26.48 -19.20
N PRO B 110 -17.56 26.46 -20.55
CA PRO B 110 -18.41 25.53 -21.28
C PRO B 110 -17.96 24.08 -21.19
N LEU B 111 -16.77 23.85 -20.62
CA LEU B 111 -16.09 22.56 -20.57
C LEU B 111 -16.65 21.70 -19.44
N GLN B 112 -17.24 20.57 -19.83
CA GLN B 112 -17.63 19.50 -18.91
C GLN B 112 -16.66 18.33 -19.08
N TYR B 113 -16.16 17.79 -17.97
CA TYR B 113 -15.11 16.78 -17.98
C TYR B 113 -15.05 16.01 -16.66
N PRO B 114 -14.42 14.81 -16.64
CA PRO B 114 -14.30 14.05 -15.40
C PRO B 114 -13.24 14.64 -14.47
N LEU B 115 -13.63 14.85 -13.22
CA LEU B 115 -12.84 15.51 -12.20
C LEU B 115 -12.09 14.46 -11.37
N GLN B 116 -12.64 13.24 -11.29
CA GLN B 116 -12.00 12.13 -10.59
C GLN B 116 -12.73 10.85 -10.95
N GLY B 117 -12.07 9.71 -10.79
CA GLY B 117 -12.73 8.44 -11.00
C GLY B 117 -12.32 7.83 -12.34
N VAL B 118 -11.38 8.44 -13.07
CA VAL B 118 -10.97 7.90 -14.36
C VAL B 118 -9.54 7.35 -14.28
N GLU B 119 -9.40 6.07 -14.65
CA GLU B 119 -8.22 5.29 -14.39
C GLU B 119 -8.00 4.29 -15.54
N VAL B 120 -6.75 4.13 -15.96
CA VAL B 120 -6.44 3.10 -16.94
C VAL B 120 -5.24 2.28 -16.48
N GLN B 121 -5.17 1.03 -16.93
CA GLN B 121 -3.98 0.28 -16.53
C GLN B 121 -2.86 0.66 -17.47
N PRO B 122 -1.58 0.55 -17.05
CA PRO B 122 -0.49 0.92 -17.93
C PRO B 122 -0.65 0.20 -19.26
N LEU B 123 -0.38 0.91 -20.36
CA LEU B 123 -0.41 0.35 -21.71
C LEU B 123 -1.83 -0.05 -22.18
N ARG B 124 -2.88 0.35 -21.48
CA ARG B 124 -4.22 -0.04 -21.90
C ARG B 124 -5.03 1.20 -22.33
N SER B 125 -6.32 1.00 -22.65
CA SER B 125 -7.11 2.05 -23.31
C SER B 125 -8.51 2.11 -22.72
N ILE B 126 -9.01 3.35 -22.54
CA ILE B 126 -10.37 3.54 -22.05
C ILE B 126 -11.05 4.62 -22.87
N LEU B 127 -12.40 4.54 -22.89
CA LEU B 127 -13.25 5.65 -23.26
C LEU B 127 -13.20 6.64 -22.10
N VAL B 128 -12.94 7.91 -22.42
CA VAL B 128 -13.01 8.92 -21.39
C VAL B 128 -14.47 9.30 -21.19
N PRO B 129 -15.01 9.21 -19.95
CA PRO B 129 -16.41 9.54 -19.72
C PRO B 129 -16.60 11.04 -19.53
N GLY B 130 -17.77 11.55 -19.95
CA GLY B 130 -18.28 12.83 -19.47
C GLY B 130 -17.63 14.03 -20.15
N LEU B 131 -16.77 13.82 -21.16
CA LEU B 131 -16.25 14.94 -21.93
C LEU B 131 -17.38 15.59 -22.74
N SER B 132 -17.61 16.91 -22.60
CA SER B 132 -18.40 17.61 -23.61
C SER B 132 -18.18 19.12 -23.55
N LEU B 133 -18.61 19.80 -24.62
CA LEU B 133 -18.58 21.25 -24.73
C LEU B 133 -20.00 21.76 -24.73
N GLN B 134 -20.42 22.37 -23.60
CA GLN B 134 -21.76 22.94 -23.48
C GLN B 134 -21.69 24.42 -23.87
N ALA B 135 -21.31 24.71 -25.12
CA ALA B 135 -21.32 26.08 -25.58
C ALA B 135 -22.71 26.35 -26.15
N ALA B 136 -22.99 27.61 -26.47
CA ALA B 136 -24.28 27.93 -27.07
C ALA B 136 -24.22 27.61 -28.57
N SER B 137 -25.36 27.13 -29.08
CA SER B 137 -25.55 26.97 -30.52
C SER B 137 -25.50 28.34 -31.18
N GLY B 138 -25.09 28.32 -32.46
CA GLY B 138 -25.26 29.50 -33.31
C GLY B 138 -23.91 30.00 -33.79
N GLN B 139 -22.83 29.34 -33.34
CA GLN B 139 -21.50 29.66 -33.83
C GLN B 139 -21.28 28.99 -35.17
N GLU B 140 -20.35 29.55 -35.95
CA GLU B 140 -20.02 28.97 -37.22
C GLU B 140 -19.16 27.74 -37.01
N VAL B 141 -18.27 27.74 -36.00
CA VAL B 141 -17.42 26.57 -35.79
C VAL B 141 -17.19 26.35 -34.28
N TYR B 142 -16.97 25.09 -33.90
CA TYR B 142 -16.64 24.69 -32.54
C TYR B 142 -15.39 23.80 -32.54
N GLN B 143 -14.40 24.13 -31.70
CA GLN B 143 -13.16 23.37 -31.63
C GLN B 143 -12.76 23.11 -30.17
N VAL B 144 -12.31 21.89 -29.89
CA VAL B 144 -11.69 21.54 -28.61
C VAL B 144 -10.31 20.92 -28.87
N ASN B 145 -9.38 21.18 -27.93
CA ASN B 145 -8.04 20.61 -27.90
C ASN B 145 -7.94 19.69 -26.66
N LEU B 146 -7.39 18.47 -26.85
CA LEU B 146 -7.04 17.53 -25.78
C LEU B 146 -5.54 17.31 -25.76
N THR B 147 -4.90 17.44 -24.59
CA THR B 147 -3.46 17.29 -24.43
C THR B 147 -3.19 16.26 -23.33
N ALA B 148 -2.28 15.30 -23.59
CA ALA B 148 -1.84 14.34 -22.59
C ALA B 148 -0.30 14.34 -22.52
N SER B 149 0.30 13.56 -21.60
CA SER B 149 1.73 13.57 -21.38
C SER B 149 2.31 12.15 -21.26
N LEU B 150 1.45 11.18 -20.93
CA LEU B 150 1.87 9.81 -20.73
C LEU B 150 0.97 8.90 -21.58
N GLY B 151 0.20 9.52 -22.49
CA GLY B 151 -0.74 8.76 -23.27
C GLY B 151 -1.05 9.45 -24.58
N THR B 152 -1.96 8.82 -25.33
CA THR B 152 -2.41 9.36 -26.60
C THR B 152 -3.91 9.18 -26.76
N TRP B 153 -4.52 10.04 -27.58
CA TRP B 153 -5.96 10.06 -27.78
C TRP B 153 -6.30 9.44 -29.12
N ASP B 154 -7.40 8.70 -29.18
CA ASP B 154 -8.02 8.38 -30.45
C ASP B 154 -9.53 8.35 -30.25
N VAL B 155 -10.31 8.13 -31.31
CA VAL B 155 -11.74 7.99 -31.11
C VAL B 155 -12.17 6.57 -31.46
N ALA B 156 -13.15 6.06 -30.70
CA ALA B 156 -13.77 4.77 -30.94
C ALA B 156 -14.55 4.78 -32.26
N GLY B 157 -14.96 5.96 -32.73
CA GLY B 157 -15.71 6.11 -33.96
C GLY B 157 -15.68 7.56 -34.43
N GLU B 158 -15.76 7.79 -35.76
CA GLU B 158 -15.69 9.13 -36.35
C GLU B 158 -17.08 9.66 -36.65
N VAL B 159 -17.35 10.88 -36.17
CA VAL B 159 -18.62 11.53 -36.43
C VAL B 159 -18.50 12.27 -37.77
N THR B 160 -19.48 12.06 -38.65
CA THR B 160 -19.57 12.78 -39.91
C THR B 160 -19.60 14.29 -39.63
N GLY B 161 -18.61 14.99 -40.18
CA GLY B 161 -18.58 16.44 -40.16
C GLY B 161 -17.61 16.99 -39.12
N VAL B 162 -17.15 16.13 -38.20
CA VAL B 162 -16.12 16.51 -37.23
C VAL B 162 -14.77 16.15 -37.81
N THR B 163 -13.82 17.11 -37.78
CA THR B 163 -12.46 16.94 -38.28
C THR B 163 -11.52 16.65 -37.12
N LEU B 164 -10.79 15.53 -37.18
CA LEU B 164 -9.85 15.15 -36.14
C LEU B 164 -8.42 15.40 -36.60
N THR B 165 -7.63 15.94 -35.68
CA THR B 165 -6.22 16.17 -35.91
C THR B 165 -5.45 15.61 -34.73
N GLY B 166 -4.57 14.66 -35.01
CA GLY B 166 -3.70 14.19 -33.96
C GLY B 166 -4.19 12.86 -33.37
N GLU B 167 -4.96 12.10 -34.17
CA GLU B 167 -5.41 10.77 -33.77
C GLU B 167 -4.20 9.90 -33.52
N GLY B 168 -4.09 9.35 -32.31
CA GLY B 168 -2.94 8.53 -31.92
C GLY B 168 -1.74 9.34 -31.44
N GLN B 169 -1.93 10.65 -31.23
CA GLN B 169 -0.90 11.52 -30.69
C GLN B 169 -1.30 12.03 -29.29
N ALA B 170 -0.35 12.72 -28.64
CA ALA B 170 -0.52 13.33 -27.33
C ALA B 170 -1.51 14.50 -27.36
N ASP B 171 -1.57 15.16 -28.52
CA ASP B 171 -2.41 16.33 -28.77
C ASP B 171 -3.45 15.98 -29.82
N LEU B 172 -4.73 16.17 -29.47
CA LEU B 172 -5.86 15.90 -30.34
C LEU B 172 -6.68 17.18 -30.45
N THR B 173 -7.12 17.48 -31.68
CA THR B 173 -8.04 18.58 -31.95
C THR B 173 -9.29 18.00 -32.59
N LEU B 174 -10.44 18.54 -32.18
CA LEU B 174 -11.73 18.21 -32.76
C LEU B 174 -12.37 19.51 -33.22
N VAL B 175 -12.71 19.60 -34.51
CA VAL B 175 -13.23 20.81 -35.13
C VAL B 175 -14.54 20.47 -35.84
N SER B 176 -15.60 21.27 -35.62
CA SER B 176 -16.91 20.92 -36.14
C SER B 176 -17.76 22.15 -36.41
N PRO B 177 -18.48 22.17 -37.55
CA PRO B 177 -19.47 23.22 -37.79
C PRO B 177 -20.77 23.00 -37.02
N GLY B 178 -20.88 21.83 -36.38
CA GLY B 178 -22.04 21.51 -35.58
C GLY B 178 -21.64 21.11 -34.16
N LEU B 179 -22.35 21.68 -33.17
CA LEU B 179 -22.05 21.47 -31.76
C LEU B 179 -22.47 20.06 -31.32
N ASP B 180 -23.66 19.60 -31.72
CA ASP B 180 -24.09 18.24 -31.44
C ASP B 180 -23.09 17.22 -31.98
N GLN B 181 -22.53 17.49 -33.18
CA GLN B 181 -21.54 16.62 -33.78
C GLN B 181 -20.28 16.51 -32.91
N LEU B 182 -19.76 17.66 -32.47
CA LEU B 182 -18.57 17.72 -31.63
C LEU B 182 -18.80 16.92 -30.35
N ASN B 183 -19.96 17.12 -29.70
CA ASN B 183 -20.23 16.49 -28.42
C ASN B 183 -20.38 14.97 -28.55
N ARG B 184 -21.04 14.53 -29.62
CA ARG B 184 -21.11 13.10 -29.89
C ARG B 184 -19.70 12.54 -30.10
N GLN B 185 -18.83 13.34 -30.75
CA GLN B 185 -17.47 12.91 -31.03
C GLN B 185 -16.71 12.75 -29.72
N LEU B 186 -16.93 13.71 -28.80
CA LEU B 186 -16.31 13.70 -27.48
C LEU B 186 -16.73 12.46 -26.69
N GLN B 187 -17.99 12.04 -26.83
CA GLN B 187 -18.44 10.85 -26.14
C GLN B 187 -17.65 9.60 -26.51
N LEU B 188 -16.83 9.69 -27.57
CA LEU B 188 -16.17 8.53 -28.15
C LEU B 188 -14.65 8.66 -28.05
N VAL B 189 -14.18 9.64 -27.24
CA VAL B 189 -12.74 9.82 -27.17
C VAL B 189 -12.13 8.72 -26.32
N THR B 190 -11.00 8.17 -26.76
CA THR B 190 -10.30 7.15 -25.99
C THR B 190 -8.92 7.67 -25.60
N TYR B 191 -8.48 7.29 -24.41
CA TYR B 191 -7.15 7.53 -23.90
C TYR B 191 -6.41 6.19 -23.79
N SER B 192 -5.14 6.24 -24.20
CA SER B 192 -4.26 5.10 -24.20
C SER B 192 -2.97 5.44 -23.46
N SER B 193 -2.60 4.62 -22.44
CA SER B 193 -1.30 4.79 -21.81
C SER B 193 -0.21 4.29 -22.74
N ARG B 194 0.85 5.10 -22.91
CA ARG B 194 1.84 4.79 -23.90
C ARG B 194 3.10 4.23 -23.25
N SER B 195 3.50 4.74 -22.09
CA SER B 195 4.69 4.21 -21.45
C SER B 195 4.30 3.45 -20.19
N TYR B 196 5.08 2.40 -19.86
CA TYR B 196 4.76 1.52 -18.74
C TYR B 196 5.28 2.14 -17.45
N GLN B 197 4.36 2.39 -16.52
CA GLN B 197 4.69 2.74 -15.16
C GLN B 197 3.70 2.04 -14.25
N THR B 198 4.08 1.86 -12.97
CA THR B 198 3.29 0.99 -12.14
C THR B 198 2.09 1.71 -11.52
N ASN B 199 2.33 2.95 -11.12
CA ASN B 199 1.27 3.65 -10.40
C ASN B 199 1.52 5.15 -10.42
N THR B 200 0.90 5.84 -11.38
CA THR B 200 1.13 7.25 -11.59
C THR B 200 -0.15 7.86 -12.14
N ALA B 201 -0.03 9.04 -12.74
CA ALA B 201 -1.21 9.66 -13.29
C ALA B 201 -0.78 10.63 -14.38
N ASP B 202 -1.68 10.85 -15.34
CA ASP B 202 -1.48 11.82 -16.37
C ASP B 202 -2.42 12.98 -16.09
N THR B 203 -1.87 14.20 -15.98
CA THR B 203 -2.73 15.39 -16.00
C THR B 203 -2.98 15.86 -17.43
N VAL B 204 -4.24 15.79 -17.86
CA VAL B 204 -4.71 16.13 -19.19
C VAL B 204 -5.15 17.60 -19.27
N ARG B 205 -4.95 18.25 -20.44
CA ARG B 205 -5.58 19.55 -20.74
C ARG B 205 -6.72 19.37 -21.73
N PHE B 206 -7.92 19.81 -21.31
CA PHE B 206 -9.08 19.95 -22.16
C PHE B 206 -9.32 21.44 -22.39
N SER B 207 -9.32 21.88 -23.66
CA SER B 207 -9.32 23.30 -23.93
C SER B 207 -10.27 23.67 -25.08
N THR B 208 -10.83 24.87 -24.98
CA THR B 208 -11.54 25.51 -26.07
C THR B 208 -11.14 26.98 -26.01
N GLU B 209 -11.63 27.80 -26.95
CA GLU B 209 -11.17 29.17 -27.00
C GLU B 209 -11.43 29.86 -25.65
N GLY B 210 -10.37 30.46 -25.08
CA GLY B 210 -10.45 31.26 -23.87
C GLY B 210 -10.78 30.48 -22.59
N HIS B 211 -10.75 29.13 -22.66
CA HIS B 211 -11.12 28.26 -21.56
C HIS B 211 -10.22 27.02 -21.48
N GLU B 212 -9.87 26.64 -20.24
CA GLU B 212 -8.99 25.52 -20.00
C GLU B 212 -9.50 24.72 -18.80
N ALA B 213 -9.48 23.38 -18.92
CA ALA B 213 -9.67 22.43 -17.82
C ALA B 213 -8.45 21.53 -17.66
N ALA B 214 -8.07 21.26 -16.40
CA ALA B 214 -7.10 20.22 -16.11
C ALA B 214 -7.82 19.11 -15.35
N PHE B 215 -7.54 17.85 -15.69
CA PHE B 215 -8.00 16.72 -14.89
C PHE B 215 -6.98 15.59 -14.99
N THR B 216 -7.11 14.57 -14.15
CA THR B 216 -6.07 13.57 -13.98
C THR B 216 -6.64 12.19 -14.29
N ILE B 217 -5.97 11.47 -15.19
CA ILE B 217 -6.26 10.07 -15.39
C ILE B 217 -5.22 9.30 -14.58
N ARG B 218 -5.70 8.43 -13.71
CA ARG B 218 -4.81 7.59 -12.94
C ARG B 218 -4.37 6.43 -13.82
N ILE B 219 -3.06 6.15 -13.82
CA ILE B 219 -2.47 5.05 -14.57
C ILE B 219 -1.92 4.04 -13.56
N ARG B 220 -2.66 2.95 -13.38
CA ARG B 220 -2.27 2.00 -12.35
C ARG B 220 -2.92 0.65 -12.58
N HIS B 221 -2.35 -0.37 -11.93
CA HIS B 221 -2.88 -1.70 -11.99
C HIS B 221 -3.96 -1.83 -10.93
N PRO B 222 -4.98 -2.69 -11.15
CA PRO B 222 -5.86 -3.04 -10.06
C PRO B 222 -5.07 -3.80 -8.99
N PRO B 223 -5.45 -3.66 -7.70
CA PRO B 223 -4.68 -4.27 -6.63
C PRO B 223 -4.77 -5.79 -6.63
N ASN B 224 -3.76 -6.45 -6.06
CA ASN B 224 -3.76 -7.87 -5.76
C ASN B 224 -4.87 -8.15 -4.76
N PRO B 225 -5.92 -8.92 -5.13
CA PRO B 225 -7.07 -9.12 -4.25
C PRO B 225 -6.76 -10.03 -3.05
N ARG B 226 -5.78 -10.90 -3.18
CA ARG B 226 -5.28 -11.71 -2.06
C ARG B 226 -6.44 -12.38 -1.36
N LEU B 227 -7.22 -13.17 -2.12
CA LEU B 227 -8.38 -13.87 -1.60
C LEU B 227 -7.99 -15.18 -0.93
N TYR B 228 -8.64 -15.43 0.21
CA TYR B 228 -8.44 -16.66 0.96
C TYR B 228 -9.70 -17.51 0.87
N PRO B 229 -9.56 -18.82 0.60
CA PRO B 229 -10.68 -19.74 0.80
C PRO B 229 -11.14 -19.71 2.27
N PRO B 230 -12.47 -19.60 2.55
CA PRO B 230 -12.96 -19.78 3.91
C PRO B 230 -12.68 -21.16 4.51
N GLY B 231 -12.48 -22.16 3.62
CA GLY B 231 -12.29 -23.54 4.03
C GLY B 231 -13.52 -24.08 4.74
N GLN B 238 -20.24 -22.66 11.71
CA GLN B 238 -19.80 -21.27 11.39
C GLN B 238 -18.34 -21.19 10.92
N TYR B 239 -17.32 -21.24 11.82
CA TYR B 239 -15.96 -20.84 11.46
C TYR B 239 -14.97 -21.95 11.73
N ASN B 240 -14.27 -22.38 10.66
CA ASN B 240 -13.17 -23.35 10.77
C ASN B 240 -11.89 -22.64 11.24
N ILE B 241 -11.63 -22.66 12.55
CA ILE B 241 -10.53 -21.93 13.14
C ILE B 241 -9.17 -22.46 12.66
N SER B 242 -9.05 -23.76 12.39
CA SER B 242 -7.79 -24.31 11.91
C SER B 242 -7.48 -23.82 10.49
N ALA B 243 -8.52 -23.49 9.72
CA ALA B 243 -8.36 -23.05 8.35
C ALA B 243 -8.06 -21.54 8.33
N LEU B 244 -8.62 -20.83 9.30
CA LEU B 244 -8.65 -19.38 9.22
C LEU B 244 -7.52 -18.75 10.01
N VAL B 245 -7.06 -19.44 11.05
CA VAL B 245 -6.22 -18.81 12.06
C VAL B 245 -4.96 -19.65 12.23
N THR B 246 -3.80 -18.98 12.28
CA THR B 246 -2.59 -19.61 12.77
C THR B 246 -2.15 -18.84 14.00
N ILE B 247 -1.69 -19.57 15.05
CA ILE B 247 -1.25 -18.87 16.25
C ILE B 247 0.26 -18.68 16.15
N ALA B 248 0.73 -17.46 16.47
CA ALA B 248 2.13 -17.10 16.34
C ALA B 248 2.64 -16.61 17.68
N THR B 249 3.82 -17.11 18.04
CA THR B 249 4.46 -16.67 19.26
C THR B 249 5.97 -16.67 19.07
N LYS B 250 6.66 -16.06 20.05
CA LYS B 250 8.10 -16.04 20.08
C LYS B 250 8.55 -16.33 21.50
N THR B 251 9.53 -17.20 21.67
CA THR B 251 9.94 -17.65 22.98
C THR B 251 11.44 -17.44 23.13
N PHE B 252 11.88 -17.26 24.36
CA PHE B 252 13.30 -17.26 24.67
C PHE B 252 13.50 -17.81 26.07
N LEU B 253 14.06 -19.03 26.16
CA LEU B 253 14.36 -19.70 27.42
C LEU B 253 13.19 -19.71 28.39
N ARG B 254 11.98 -19.96 27.89
CA ARG B 254 10.83 -20.02 28.79
C ARG B 254 9.98 -21.21 28.37
N TYR B 255 10.65 -22.36 28.30
CA TYR B 255 10.01 -23.54 27.74
C TYR B 255 8.82 -23.98 28.58
N ASP B 256 8.88 -23.74 29.90
CA ASP B 256 7.81 -24.14 30.80
C ASP B 256 6.55 -23.33 30.49
N ARG B 257 6.69 -22.00 30.33
CA ARG B 257 5.56 -21.15 29.99
C ARG B 257 4.98 -21.57 28.62
N LEU B 258 5.90 -21.85 27.68
CA LEU B 258 5.56 -22.18 26.31
C LEU B 258 4.77 -23.49 26.27
N ARG B 259 5.23 -24.50 27.00
CA ARG B 259 4.52 -25.79 27.00
C ARG B 259 3.14 -25.62 27.64
N ALA B 260 3.08 -24.78 28.69
CA ALA B 260 1.82 -24.47 29.37
C ALA B 260 0.86 -23.78 28.40
N LEU B 261 1.40 -22.93 27.52
CA LEU B 261 0.62 -22.26 26.51
C LEU B 261 0.07 -23.28 25.52
N ILE B 262 0.96 -24.11 24.96
CA ILE B 262 0.53 -25.08 23.97
C ILE B 262 -0.52 -26.04 24.55
N THR B 263 -0.28 -26.56 25.76
CA THR B 263 -1.27 -27.36 26.47
C THR B 263 -2.59 -26.60 26.57
N SER B 264 -2.55 -25.31 26.96
CA SER B 264 -3.78 -24.57 27.15
C SER B 264 -4.54 -24.38 25.82
N ILE B 265 -3.78 -24.19 24.72
CA ILE B 265 -4.39 -23.96 23.43
C ILE B 265 -5.10 -25.25 22.99
N ARG B 266 -4.41 -26.37 23.20
CA ARG B 266 -4.86 -27.65 22.70
C ARG B 266 -6.16 -28.08 23.38
N ARG B 267 -6.45 -27.55 24.57
CA ARG B 267 -7.68 -27.79 25.31
C ARG B 267 -8.90 -27.22 24.57
N PHE B 268 -8.69 -26.21 23.71
CA PHE B 268 -9.83 -25.60 23.05
C PHE B 268 -9.69 -25.73 21.54
N TYR B 269 -8.44 -25.78 21.07
CA TYR B 269 -8.14 -25.76 19.64
C TYR B 269 -7.09 -26.82 19.34
N PRO B 270 -7.53 -28.07 19.08
CA PRO B 270 -6.59 -29.18 18.92
C PRO B 270 -5.81 -29.15 17.60
N THR B 271 -6.32 -28.50 16.55
CA THR B 271 -5.65 -28.63 15.28
C THR B 271 -5.22 -27.29 14.68
N VAL B 272 -5.41 -26.20 15.43
CA VAL B 272 -4.87 -24.90 15.03
C VAL B 272 -3.36 -24.94 15.09
N THR B 273 -2.70 -24.47 14.03
CA THR B 273 -1.26 -24.47 13.92
C THR B 273 -0.72 -23.41 14.89
N VAL B 274 0.33 -23.81 15.61
CA VAL B 274 1.09 -22.86 16.40
C VAL B 274 2.49 -22.79 15.81
N VAL B 275 2.87 -21.57 15.35
CA VAL B 275 4.21 -21.22 14.91
C VAL B 275 4.96 -20.57 16.06
N ILE B 276 6.12 -21.15 16.40
CA ILE B 276 6.97 -20.67 17.48
C ILE B 276 8.33 -20.27 16.92
N ALA B 277 8.68 -18.98 17.01
CA ALA B 277 10.05 -18.55 16.72
C ALA B 277 10.81 -18.56 18.03
N ASP B 278 12.11 -18.83 17.93
CA ASP B 278 12.87 -19.15 19.13
C ASP B 278 14.33 -18.80 18.85
N ASP B 279 14.89 -17.91 19.69
CA ASP B 279 16.28 -17.51 19.57
C ASP B 279 17.08 -17.83 20.82
N SER B 280 16.65 -18.87 21.57
CA SER B 280 17.35 -19.49 22.69
C SER B 280 18.72 -19.97 22.25
N ASP B 281 19.75 -19.82 23.09
CA ASP B 281 21.08 -20.37 22.82
C ASP B 281 21.08 -21.90 22.75
N LYS B 282 20.51 -22.58 23.77
CA LYS B 282 20.41 -24.03 23.81
C LYS B 282 18.95 -24.39 23.61
N PRO B 283 18.46 -24.53 22.37
CA PRO B 283 17.04 -24.78 22.14
C PRO B 283 16.61 -26.20 22.51
N GLU B 284 15.47 -26.28 23.20
CA GLU B 284 14.87 -27.55 23.56
C GLU B 284 13.96 -28.00 22.41
N ARG B 285 13.61 -29.28 22.38
CA ARG B 285 12.66 -29.74 21.38
C ARG B 285 11.25 -29.30 21.78
N VAL B 286 10.58 -28.60 20.85
CA VAL B 286 9.18 -28.23 21.00
C VAL B 286 8.46 -28.82 19.81
N SER B 287 7.57 -29.76 20.10
CA SER B 287 7.01 -30.57 19.04
C SER B 287 5.77 -31.25 19.56
N GLY B 288 4.99 -31.74 18.62
CA GLY B 288 3.66 -32.26 18.86
C GLY B 288 2.86 -31.93 17.61
N PRO B 289 1.64 -32.50 17.47
CA PRO B 289 0.86 -32.22 16.28
C PRO B 289 0.58 -30.72 16.12
N TYR B 290 0.69 -30.23 14.89
CA TYR B 290 0.32 -28.89 14.47
C TYR B 290 1.17 -27.80 15.14
N VAL B 291 2.41 -28.12 15.53
CA VAL B 291 3.35 -27.16 16.10
C VAL B 291 4.53 -27.01 15.14
N GLU B 292 4.89 -25.77 14.83
CA GLU B 292 6.04 -25.51 13.98
C GLU B 292 7.04 -24.67 14.74
N HIS B 293 8.26 -25.21 14.92
CA HIS B 293 9.31 -24.57 15.70
C HIS B 293 10.36 -24.01 14.74
N TYR B 294 10.71 -22.74 14.93
CA TYR B 294 11.66 -22.05 14.09
C TYR B 294 12.83 -21.64 14.97
N LEU B 295 14.03 -22.12 14.59
CA LEU B 295 15.19 -21.82 15.40
C LEU B 295 15.98 -20.69 14.77
N MET B 296 16.34 -19.71 15.60
CA MET B 296 17.02 -18.53 15.14
C MET B 296 18.40 -18.43 15.79
N PRO B 297 19.38 -17.72 15.16
CA PRO B 297 20.62 -17.36 15.84
C PRO B 297 20.36 -16.71 17.19
N PHE B 298 21.10 -17.14 18.22
CA PHE B 298 20.86 -16.71 19.60
C PHE B 298 20.80 -15.18 19.71
N GLY B 299 19.71 -14.66 20.28
CA GLY B 299 19.54 -13.24 20.52
C GLY B 299 19.22 -12.41 19.28
N LYS B 300 18.89 -13.06 18.15
CA LYS B 300 18.44 -12.33 16.97
C LYS B 300 17.35 -11.35 17.40
N GLY B 301 16.42 -11.75 18.29
CA GLY B 301 15.65 -10.74 18.99
C GLY B 301 14.15 -10.91 18.92
N TRP B 302 13.47 -9.91 19.54
CA TRP B 302 12.03 -9.89 19.78
C TRP B 302 11.29 -9.68 18.46
N PHE B 303 11.32 -8.45 17.93
CA PHE B 303 10.51 -8.16 16.74
C PHE B 303 10.91 -9.06 15.57
N ALA B 304 12.15 -9.57 15.54
CA ALA B 304 12.57 -10.40 14.42
C ALA B 304 11.84 -11.74 14.47
N GLY B 305 11.72 -12.33 15.66
CA GLY B 305 11.01 -13.59 15.84
C GLY B 305 9.55 -13.37 15.53
N ARG B 306 9.00 -12.24 15.97
CA ARG B 306 7.65 -11.85 15.58
C ARG B 306 7.57 -11.84 14.04
N ASN B 307 8.54 -11.24 13.36
CA ASN B 307 8.52 -11.11 11.92
C ASN B 307 8.62 -12.51 11.32
N LEU B 308 9.49 -13.34 11.90
CA LEU B 308 9.72 -14.67 11.38
C LEU B 308 8.42 -15.46 11.45
N ALA B 309 7.77 -15.42 12.62
CA ALA B 309 6.59 -16.23 12.89
C ALA B 309 5.52 -15.87 11.88
N VAL B 310 5.28 -14.57 11.71
CA VAL B 310 4.25 -14.13 10.78
C VAL B 310 4.60 -14.51 9.34
N SER B 311 5.89 -14.60 9.00
CA SER B 311 6.28 -14.85 7.62
C SER B 311 5.85 -16.27 7.24
N GLN B 312 5.53 -17.10 8.24
CA GLN B 312 5.27 -18.51 8.00
C GLN B 312 3.78 -18.82 8.06
N VAL B 313 2.95 -17.81 8.32
CA VAL B 313 1.50 -17.98 8.41
C VAL B 313 0.89 -18.08 7.00
N THR B 314 0.07 -19.12 6.78
CA THR B 314 -0.53 -19.41 5.49
C THR B 314 -2.03 -19.13 5.51
N THR B 315 -2.56 -18.67 6.66
CA THR B 315 -4.00 -18.58 6.85
C THR B 315 -4.38 -17.12 6.73
N LYS B 316 -5.64 -16.85 6.45
CA LYS B 316 -6.16 -15.49 6.34
C LYS B 316 -5.77 -14.68 7.58
N TYR B 317 -5.77 -15.33 8.76
CA TYR B 317 -5.59 -14.64 10.03
C TYR B 317 -4.43 -15.24 10.84
N VAL B 318 -3.81 -14.36 11.64
CA VAL B 318 -2.80 -14.74 12.61
C VAL B 318 -3.23 -14.24 13.99
N LEU B 319 -3.02 -15.09 14.99
CA LEU B 319 -3.25 -14.72 16.38
C LEU B 319 -1.90 -14.54 17.05
N TRP B 320 -1.64 -13.35 17.59
CA TRP B 320 -0.40 -13.16 18.31
C TRP B 320 -0.69 -13.47 19.77
N VAL B 321 0.11 -14.36 20.38
CA VAL B 321 0.08 -14.57 21.82
C VAL B 321 1.51 -14.59 22.34
N ASP B 322 1.70 -14.08 23.56
CA ASP B 322 3.01 -14.15 24.18
C ASP B 322 3.19 -15.56 24.72
N ASP B 323 4.45 -15.96 24.91
CA ASP B 323 4.78 -17.31 25.34
C ASP B 323 4.36 -17.56 26.79
N ASP B 324 4.03 -16.51 27.57
CA ASP B 324 3.65 -16.65 28.97
C ASP B 324 2.14 -16.53 29.12
N PHE B 325 1.41 -16.67 28.01
CA PHE B 325 -0.03 -16.59 28.06
C PHE B 325 -0.64 -17.98 28.25
N VAL B 326 -1.93 -18.01 28.62
CA VAL B 326 -2.64 -19.24 28.91
C VAL B 326 -4.08 -19.06 28.43
N PHE B 327 -4.52 -19.96 27.54
CA PHE B 327 -5.88 -19.96 27.04
C PHE B 327 -6.81 -20.48 28.13
N THR B 328 -7.95 -19.79 28.25
CA THR B 328 -9.04 -20.24 29.09
C THR B 328 -10.28 -20.34 28.20
N ALA B 329 -11.41 -20.50 28.87
CA ALA B 329 -12.71 -20.62 28.24
C ALA B 329 -13.16 -19.24 27.82
N ARG B 330 -12.48 -18.21 28.32
CA ARG B 330 -12.75 -16.84 27.94
C ARG B 330 -12.08 -16.55 26.60
N THR B 331 -11.08 -17.38 26.23
CA THR B 331 -10.22 -17.12 25.06
C THR B 331 -10.88 -17.67 23.81
N ARG B 332 -11.95 -17.00 23.39
CA ARG B 332 -12.86 -17.56 22.39
C ARG B 332 -12.58 -16.85 21.06
N LEU B 333 -11.75 -17.48 20.22
CA LEU B 333 -11.13 -16.85 19.05
C LEU B 333 -12.20 -16.56 17.99
N GLU B 334 -13.22 -17.43 17.95
CA GLU B 334 -14.40 -17.27 17.08
C GLU B 334 -14.90 -15.83 17.14
N ARG B 335 -14.80 -15.23 18.34
CA ARG B 335 -15.42 -13.94 18.56
C ARG B 335 -14.59 -12.87 17.85
N LEU B 336 -13.27 -13.03 17.94
CA LEU B 336 -12.32 -12.18 17.23
C LEU B 336 -12.43 -12.40 15.72
N VAL B 337 -12.43 -13.69 15.30
CA VAL B 337 -12.64 -14.03 13.90
C VAL B 337 -13.87 -13.31 13.38
N ASP B 338 -14.91 -13.30 14.20
CA ASP B 338 -16.18 -12.69 13.86
C ASP B 338 -15.99 -11.19 13.58
N VAL B 339 -15.28 -10.50 14.46
CA VAL B 339 -15.09 -9.08 14.27
C VAL B 339 -14.40 -8.80 12.94
N LEU B 340 -13.40 -9.61 12.58
CA LEU B 340 -12.64 -9.31 11.38
C LEU B 340 -13.42 -9.71 10.13
N GLU B 341 -14.25 -10.77 10.25
CA GLU B 341 -15.11 -11.22 9.17
C GLU B 341 -16.23 -10.21 8.88
N ARG B 342 -16.67 -9.44 9.88
CA ARG B 342 -17.89 -8.66 9.74
C ARG B 342 -17.60 -7.15 9.76
N THR B 343 -16.33 -6.74 9.91
CA THR B 343 -16.00 -5.30 9.96
C THR B 343 -14.77 -5.06 9.10
N PRO B 344 -14.53 -3.79 8.69
CA PRO B 344 -13.30 -3.43 7.98
C PRO B 344 -12.03 -3.34 8.84
N LEU B 345 -12.04 -3.83 10.09
CA LEU B 345 -10.84 -3.89 10.91
C LEU B 345 -9.84 -4.88 10.32
N ASP B 346 -8.56 -4.63 10.62
CA ASP B 346 -7.47 -5.45 10.14
C ASP B 346 -6.92 -6.26 11.30
N LEU B 347 -7.00 -5.64 12.48
CA LEU B 347 -6.43 -6.19 13.69
C LEU B 347 -7.38 -5.89 14.85
N VAL B 348 -7.64 -6.92 15.68
CA VAL B 348 -8.51 -6.76 16.84
C VAL B 348 -7.86 -7.42 18.05
N GLY B 349 -7.57 -6.61 19.07
CA GLY B 349 -6.92 -7.09 20.28
C GLY B 349 -7.95 -7.61 21.27
N GLY B 350 -7.55 -8.62 22.05
CA GLY B 350 -8.32 -9.14 23.18
C GLY B 350 -7.94 -8.44 24.48
N ALA B 351 -8.16 -9.10 25.60
CA ALA B 351 -7.72 -8.60 26.88
C ALA B 351 -6.85 -9.67 27.54
N VAL B 352 -5.80 -9.20 28.22
CA VAL B 352 -4.93 -10.07 28.97
C VAL B 352 -5.21 -9.86 30.45
N ARG B 353 -5.54 -10.95 31.14
CA ARG B 353 -5.93 -10.94 32.52
C ARG B 353 -4.80 -11.51 33.39
N GLU B 354 -4.46 -10.73 34.41
CA GLU B 354 -3.52 -11.17 35.45
C GLU B 354 -4.16 -12.19 36.40
N ILE B 355 -3.30 -12.96 37.07
CA ILE B 355 -3.70 -13.85 38.15
C ILE B 355 -4.47 -13.09 39.24
N SER B 356 -4.12 -11.81 39.45
CA SER B 356 -4.84 -10.87 40.30
C SER B 356 -6.29 -10.62 39.87
N GLY B 357 -6.71 -11.08 38.68
CA GLY B 357 -8.09 -10.96 38.22
C GLY B 357 -8.34 -9.69 37.38
N PHE B 358 -7.41 -8.71 37.44
CA PHE B 358 -7.46 -7.54 36.58
C PHE B 358 -7.11 -7.91 35.11
N ALA B 359 -7.81 -7.30 34.15
CA ALA B 359 -7.56 -7.50 32.72
C ALA B 359 -7.28 -6.17 31.98
N THR B 360 -6.38 -6.20 31.01
CA THR B 360 -6.09 -5.00 30.23
C THR B 360 -6.24 -5.26 28.74
N THR B 361 -6.79 -4.28 28.04
CA THR B 361 -6.85 -4.30 26.59
C THR B 361 -5.74 -3.41 26.03
N TYR B 362 -5.13 -2.60 26.91
CA TYR B 362 -4.03 -1.70 26.59
C TYR B 362 -4.34 -0.88 25.34
N ARG B 363 -5.56 -0.33 25.29
CA ARG B 363 -5.99 0.49 24.17
C ARG B 363 -5.15 1.77 24.14
N GLN B 364 -4.40 1.97 23.04
CA GLN B 364 -3.55 3.14 22.93
C GLN B 364 -3.87 4.00 21.73
N LEU B 365 -3.81 5.32 21.96
CA LEU B 365 -3.83 6.30 20.89
C LEU B 365 -2.44 6.82 20.55
N LEU B 366 -2.10 6.81 19.25
CA LEU B 366 -0.83 7.34 18.76
C LEU B 366 -1.16 8.40 17.73
N SER B 367 -0.53 9.57 17.84
CA SER B 367 -0.69 10.54 16.78
C SER B 367 0.65 11.20 16.51
N VAL B 368 0.91 11.49 15.22
CA VAL B 368 2.09 12.27 14.91
C VAL B 368 1.71 13.72 14.61
N GLU B 369 2.43 14.65 15.24
CA GLU B 369 2.13 16.06 15.09
C GLU B 369 3.29 16.71 14.35
N PRO B 370 2.99 17.63 13.40
CA PRO B 370 4.01 18.31 12.61
C PRO B 370 4.93 19.25 13.39
N GLY B 371 6.24 19.04 13.24
CA GLY B 371 7.22 19.90 13.86
C GLY B 371 7.78 20.94 12.90
N ALA B 372 8.70 21.77 13.40
CA ALA B 372 9.29 22.82 12.58
C ALA B 372 10.11 22.19 11.46
N PRO B 373 10.37 22.97 10.37
CA PRO B 373 11.10 22.44 9.23
C PRO B 373 12.47 21.89 9.64
N GLY B 374 12.72 20.61 9.31
CA GLY B 374 14.03 19.99 9.49
C GLY B 374 14.23 19.36 10.87
N LEU B 375 13.27 19.57 11.79
CA LEU B 375 13.43 19.11 13.15
C LEU B 375 12.89 17.69 13.26
N GLY B 376 11.83 17.45 12.48
CA GLY B 376 11.03 16.25 12.52
C GLY B 376 9.78 16.48 13.38
N ASN B 377 8.99 15.42 13.54
CA ASN B 377 7.67 15.46 14.10
C ASN B 377 7.68 15.02 15.57
N CYS B 378 6.53 15.18 16.24
CA CYS B 378 6.33 14.77 17.62
C CYS B 378 5.32 13.62 17.67
N LEU B 379 5.67 12.52 18.35
CA LEU B 379 4.66 11.49 18.59
C LEU B 379 4.01 11.65 19.97
N ARG B 380 2.67 11.60 20.00
CA ARG B 380 1.95 11.57 21.27
C ARG B 380 1.31 10.20 21.44
N GLN B 381 1.71 9.48 22.49
CA GLN B 381 1.01 8.27 22.89
C GLN B 381 0.21 8.58 24.14
N ARG B 382 -1.05 8.14 24.16
CA ARG B 382 -1.91 8.31 25.32
C ARG B 382 -2.90 7.14 25.34
N ARG B 383 -3.30 6.70 26.54
CA ARG B 383 -4.26 5.62 26.67
C ARG B 383 -5.60 6.13 26.16
N GLY B 384 -6.40 5.25 25.57
CA GLY B 384 -7.69 5.68 25.05
C GLY B 384 -8.04 4.91 23.79
N PHE B 385 -9.18 5.28 23.21
CA PHE B 385 -9.66 4.72 21.95
C PHE B 385 -10.38 5.81 21.18
N HIS B 386 -10.78 5.56 19.92
CA HIS B 386 -11.41 6.64 19.18
C HIS B 386 -12.93 6.66 19.42
N HIS B 387 -13.58 5.52 19.20
CA HIS B 387 -15.01 5.40 19.35
C HIS B 387 -15.34 3.91 19.50
N GLU B 388 -16.59 3.64 19.89
CA GLU B 388 -17.06 2.28 20.07
C GLU B 388 -17.29 1.68 18.70
N LEU B 389 -17.07 0.37 18.58
CA LEU B 389 -17.32 -0.36 17.35
C LEU B 389 -18.80 -0.72 17.30
N VAL B 390 -19.53 -0.02 16.42
CA VAL B 390 -20.97 -0.23 16.26
C VAL B 390 -21.27 -1.71 16.00
N GLY B 391 -22.14 -2.29 16.85
CA GLY B 391 -22.65 -3.63 16.60
C GLY B 391 -21.92 -4.69 17.44
N PHE B 392 -20.88 -4.24 18.17
CA PHE B 392 -20.01 -5.13 18.91
C PHE B 392 -19.75 -4.55 20.30
N PRO B 393 -20.64 -4.80 21.29
CA PRO B 393 -20.47 -4.27 22.63
C PRO B 393 -19.12 -4.65 23.24
N GLY B 394 -18.44 -3.65 23.83
CA GLY B 394 -17.18 -3.82 24.51
C GLY B 394 -15.98 -3.74 23.57
N CYS B 395 -16.24 -3.49 22.28
CA CYS B 395 -15.18 -3.36 21.29
C CYS B 395 -15.05 -1.91 20.84
N VAL B 396 -13.82 -1.45 20.67
CA VAL B 396 -13.58 -0.07 20.33
C VAL B 396 -12.59 -0.02 19.18
N VAL B 397 -12.51 1.15 18.55
CA VAL B 397 -11.49 1.40 17.54
C VAL B 397 -10.43 2.28 18.18
N THR B 398 -9.18 1.82 18.11
CA THR B 398 -8.09 2.53 18.75
C THR B 398 -6.91 2.45 17.79
N ASP B 399 -5.70 2.80 18.24
CA ASP B 399 -4.52 2.85 17.40
C ASP B 399 -3.56 1.73 17.76
N GLY B 400 -3.58 1.33 19.04
CA GLY B 400 -2.73 0.26 19.51
C GLY B 400 -3.48 -0.58 20.56
N VAL B 401 -3.10 -1.85 20.71
CA VAL B 401 -3.71 -2.71 21.71
C VAL B 401 -2.61 -3.50 22.42
N VAL B 402 -3.02 -4.48 23.21
CA VAL B 402 -2.13 -5.33 23.98
C VAL B 402 -1.63 -6.46 23.09
N ASN B 403 -0.64 -7.25 23.54
CA ASN B 403 -0.04 -8.26 22.69
C ASN B 403 -0.88 -9.55 22.65
N PHE B 404 -2.21 -9.40 22.63
CA PHE B 404 -3.08 -10.52 22.32
C PHE B 404 -4.06 -10.00 21.26
N PHE B 405 -3.88 -10.43 20.02
CA PHE B 405 -4.72 -9.89 18.96
C PHE B 405 -4.81 -10.86 17.79
N LEU B 406 -5.94 -10.82 17.09
CA LEU B 406 -6.12 -11.51 15.84
C LEU B 406 -6.03 -10.47 14.73
N ALA B 407 -5.35 -10.81 13.63
CA ALA B 407 -5.23 -9.86 12.54
C ALA B 407 -5.10 -10.59 11.22
N ARG B 408 -5.52 -9.88 10.16
CA ARG B 408 -5.33 -10.29 8.78
C ARG B 408 -3.82 -10.40 8.57
N THR B 409 -3.35 -11.63 8.28
CA THR B 409 -1.94 -11.92 8.12
C THR B 409 -1.28 -10.92 7.18
N ASP B 410 -1.93 -10.67 6.05
CA ASP B 410 -1.33 -9.86 5.01
C ASP B 410 -1.05 -8.44 5.54
N LYS B 411 -1.98 -7.87 6.33
CA LYS B 411 -1.79 -6.53 6.87
C LYS B 411 -0.66 -6.51 7.89
N VAL B 412 -0.56 -7.59 8.67
CA VAL B 412 0.50 -7.67 9.64
C VAL B 412 1.84 -7.74 8.92
N ARG B 413 1.91 -8.54 7.83
CA ARG B 413 3.17 -8.70 7.12
C ARG B 413 3.49 -7.40 6.43
N GLU B 414 2.46 -6.71 5.95
CA GLU B 414 2.63 -5.47 5.22
C GLU B 414 3.22 -4.40 6.13
N VAL B 415 2.79 -4.34 7.39
CA VAL B 415 3.36 -3.41 8.37
C VAL B 415 4.73 -3.86 8.86
N GLY B 416 4.82 -5.13 9.30
CA GLY B 416 6.08 -5.70 9.71
C GLY B 416 6.42 -5.47 11.17
N PHE B 417 7.22 -6.40 11.72
CA PHE B 417 7.82 -6.23 13.01
C PHE B 417 9.28 -6.04 12.72
N ASP B 418 9.70 -4.77 12.74
CA ASP B 418 11.02 -4.38 12.27
C ASP B 418 12.06 -5.21 13.02
N PRO B 419 12.84 -6.07 12.33
CA PRO B 419 13.79 -6.94 13.01
C PRO B 419 14.85 -6.21 13.84
N ARG B 420 14.99 -4.89 13.59
CA ARG B 420 15.95 -4.06 14.31
C ARG B 420 15.52 -3.85 15.77
N LEU B 421 14.24 -4.11 16.09
CA LEU B 421 13.76 -3.90 17.44
C LEU B 421 14.00 -5.17 18.22
N SER B 422 15.25 -5.42 18.59
CA SER B 422 15.66 -6.75 18.99
C SER B 422 15.30 -7.03 20.44
N ARG B 423 14.89 -6.01 21.19
CA ARG B 423 14.83 -6.26 22.62
C ARG B 423 13.52 -5.79 23.26
N VAL B 424 13.40 -4.51 23.49
CA VAL B 424 12.18 -4.03 24.11
C VAL B 424 11.43 -3.20 23.07
N ALA B 425 10.21 -3.62 22.77
CA ALA B 425 9.35 -2.96 21.80
C ALA B 425 7.96 -3.54 21.91
N HIS B 426 6.95 -2.72 21.66
CA HIS B 426 5.58 -3.19 21.55
C HIS B 426 4.82 -2.24 20.66
N LEU B 427 4.69 -0.97 21.08
CA LEU B 427 3.85 -0.04 20.36
C LEU B 427 4.48 0.33 19.01
N GLU B 428 5.76 0.02 18.82
CA GLU B 428 6.44 0.38 17.57
C GLU B 428 5.78 -0.32 16.39
N PHE B 429 5.18 -1.50 16.63
CA PHE B 429 4.47 -2.12 15.54
C PHE B 429 3.27 -1.26 15.16
N PHE B 430 2.57 -0.77 16.18
CA PHE B 430 1.35 -0.03 15.92
C PHE B 430 1.66 1.34 15.30
N LEU B 431 2.84 1.88 15.59
CA LEU B 431 3.29 3.14 15.02
C LEU B 431 3.74 2.93 13.57
N ASP B 432 4.48 1.86 13.29
CA ASP B 432 4.80 1.48 11.93
C ASP B 432 3.52 1.35 11.12
N GLY B 433 2.46 0.79 11.72
CA GLY B 433 1.19 0.57 11.05
C GLY B 433 0.28 1.81 11.05
N LEU B 434 0.72 2.91 11.67
CA LEU B 434 -0.21 3.99 11.95
C LEU B 434 -0.79 4.50 10.66
N GLY B 435 -2.10 4.40 10.51
CA GLY B 435 -2.75 5.01 9.36
C GLY B 435 -3.05 3.95 8.33
N SER B 436 -2.27 2.87 8.37
CA SER B 436 -2.34 1.79 7.42
C SER B 436 -3.16 0.64 8.03
N LEU B 437 -3.16 0.52 9.35
CA LEU B 437 -3.77 -0.64 9.99
C LEU B 437 -5.03 -0.18 10.72
N ARG B 438 -6.13 -0.89 10.47
CA ARG B 438 -7.39 -0.59 11.11
C ARG B 438 -7.52 -1.43 12.37
N VAL B 439 -7.33 -0.75 13.52
CA VAL B 439 -7.17 -1.48 14.78
C VAL B 439 -8.40 -1.35 15.67
N GLY B 440 -8.78 -2.48 16.27
CA GLY B 440 -9.84 -2.52 17.27
C GLY B 440 -9.45 -3.37 18.47
N SER B 441 -10.36 -3.43 19.46
CA SER B 441 -10.04 -4.04 20.73
C SER B 441 -11.33 -4.40 21.42
N CYS B 442 -11.45 -5.68 21.82
CA CYS B 442 -12.64 -6.24 22.44
C CYS B 442 -12.28 -6.75 23.82
N SER B 443 -13.03 -6.34 24.86
CA SER B 443 -12.65 -6.69 26.22
C SER B 443 -13.15 -8.07 26.63
N ASP B 444 -14.03 -8.70 25.83
CA ASP B 444 -14.69 -9.92 26.27
C ASP B 444 -13.93 -11.16 25.80
N VAL B 445 -12.89 -10.98 24.98
CA VAL B 445 -12.10 -12.15 24.61
C VAL B 445 -10.80 -12.10 25.41
N VAL B 446 -10.58 -13.11 26.26
CA VAL B 446 -9.69 -12.91 27.39
C VAL B 446 -8.71 -14.06 27.48
N VAL B 447 -7.42 -13.70 27.61
CA VAL B 447 -6.38 -14.68 27.77
C VAL B 447 -5.65 -14.39 29.09
N ASP B 448 -5.09 -15.42 29.70
CA ASP B 448 -4.53 -15.24 31.04
C ASP B 448 -3.04 -15.02 30.87
N HIS B 449 -2.47 -14.19 31.74
CA HIS B 449 -1.03 -14.00 31.78
C HIS B 449 -0.52 -14.76 33.01
N ALA B 450 0.41 -15.70 32.78
CA ALA B 450 0.99 -16.52 33.82
C ALA B 450 1.79 -15.65 34.78
N SER B 451 1.79 -16.03 36.07
CA SER B 451 2.13 -15.21 37.22
C SER B 451 3.34 -14.27 36.98
N TYR B 470 18.34 -15.57 31.81
CA TYR B 470 17.00 -15.81 31.21
C TYR B 470 16.25 -14.48 30.93
N ARG B 471 16.95 -13.34 30.98
CA ARG B 471 16.52 -12.17 30.22
C ARG B 471 17.54 -11.98 29.08
N TYR B 472 17.21 -11.11 28.13
CA TYR B 472 18.06 -10.92 26.96
C TYR B 472 19.47 -10.46 27.38
N PRO B 473 20.53 -10.96 26.70
CA PRO B 473 21.90 -10.54 26.99
C PRO B 473 22.29 -9.23 26.28
N GLY B 474 22.97 -8.36 27.05
CA GLY B 474 23.41 -7.07 26.57
C GLY B 474 23.00 -5.98 27.54
N SER B 475 23.04 -4.71 27.09
CA SER B 475 22.66 -3.58 27.90
C SER B 475 21.33 -3.02 27.44
N LEU B 476 20.33 -3.07 28.32
CA LEU B 476 19.04 -2.40 28.18
C LEU B 476 19.24 -0.97 27.66
N ASP B 477 20.07 -0.21 28.40
CA ASP B 477 20.27 1.20 28.09
C ASP B 477 20.76 1.38 26.66
N GLU B 478 21.68 0.51 26.21
CA GLU B 478 22.13 0.52 24.83
C GLU B 478 20.93 0.32 23.91
N SER B 479 20.20 -0.80 24.06
CA SER B 479 19.00 -1.08 23.27
C SER B 479 18.09 0.16 23.20
N GLN B 480 17.93 0.87 24.31
CA GLN B 480 16.99 1.98 24.39
C GLN B 480 17.53 3.16 23.60
N MET B 481 18.82 3.47 23.77
CA MET B 481 19.45 4.52 22.96
C MET B 481 19.32 4.16 21.47
N ALA B 482 19.66 2.90 21.18
CA ALA B 482 19.60 2.36 19.84
C ALA B 482 18.20 2.60 19.27
N LYS B 483 17.21 2.24 20.05
CA LYS B 483 15.83 2.29 19.57
C LYS B 483 15.41 3.76 19.39
N HIS B 484 15.91 4.63 20.25
CA HIS B 484 15.56 6.03 20.15
C HIS B 484 16.08 6.60 18.85
N ARG B 485 17.32 6.23 18.52
CA ARG B 485 17.98 6.75 17.32
C ARG B 485 17.25 6.21 16.10
N LEU B 486 16.85 4.93 16.20
CA LEU B 486 16.10 4.30 15.13
C LEU B 486 14.80 5.04 14.91
N LEU B 487 14.07 5.32 15.99
CA LEU B 487 12.77 5.92 15.81
C LEU B 487 12.93 7.35 15.29
N PHE B 488 13.95 8.06 15.78
CA PHE B 488 14.28 9.39 15.31
C PHE B 488 14.43 9.36 13.80
N PHE B 489 15.26 8.44 13.30
CA PHE B 489 15.53 8.34 11.87
C PHE B 489 14.31 7.84 11.09
N LYS B 490 13.86 6.64 11.41
CA LYS B 490 12.83 5.90 10.69
C LYS B 490 11.54 6.69 10.48
N HIS B 491 11.09 7.41 11.52
CA HIS B 491 9.78 8.06 11.53
C HIS B 491 9.90 9.57 11.47
N ARG B 492 11.12 10.09 11.30
CA ARG B 492 11.34 11.51 11.22
C ARG B 492 10.72 12.14 12.47
N LEU B 493 11.15 11.66 13.65
CA LEU B 493 10.61 12.16 14.89
C LEU B 493 11.70 12.95 15.60
N GLN B 494 11.32 14.07 16.22
CA GLN B 494 12.24 14.76 17.11
C GLN B 494 12.07 14.25 18.52
N CYS B 495 10.83 13.97 18.91
CA CYS B 495 10.54 13.75 20.32
C CYS B 495 9.22 12.99 20.44
N MET B 496 8.91 12.56 21.67
CA MET B 496 7.65 11.89 21.93
C MET B 496 7.20 12.14 23.37
N THR B 497 5.88 12.12 23.58
CA THR B 497 5.29 12.09 24.92
C THR B 497 4.58 10.76 25.14
N SER B 498 4.91 10.15 26.29
CA SER B 498 4.20 8.99 26.82
C SER B 498 3.26 9.40 27.96
N GLN B 499 2.05 8.84 28.00
CA GLN B 499 0.93 9.38 28.79
C GLN B 499 0.04 8.23 29.31
C1 NAG C . 29.56 0.12 7.04
C2 NAG C . 30.46 0.86 8.00
C3 NAG C . 30.99 -0.13 9.02
C4 NAG C . 29.85 -0.89 9.69
C5 NAG C . 28.99 -1.58 8.63
C6 NAG C . 27.76 -2.27 9.15
C7 NAG C . 32.50 1.12 6.51
C8 NAG C . 33.31 2.18 5.81
N2 NAG C . 31.50 1.59 7.28
O3 NAG C . 31.77 0.57 9.96
O4 NAG C . 30.41 -1.89 10.54
O5 NAG C . 28.52 -0.54 7.75
O6 NAG C . 26.85 -1.34 9.74
O7 NAG C . 32.72 -0.08 6.34
C1 NAG C . 29.95 -1.91 11.86
C2 NAG C . 30.42 -3.22 12.43
C3 NAG C . 30.12 -3.30 13.93
C4 NAG C . 30.70 -2.07 14.64
C5 NAG C . 30.26 -0.77 13.95
C6 NAG C . 31.02 0.43 14.45
C7 NAG C . 30.52 -5.00 10.74
C8 NAG C . 29.72 -5.51 9.58
N2 NAG C . 29.84 -4.32 11.67
O3 NAG C . 30.65 -4.50 14.49
O4 NAG C . 30.26 -2.05 16.00
O5 NAG C . 30.54 -0.82 12.55
O6 NAG C . 30.53 1.59 13.81
O7 NAG C . 31.72 -5.17 10.81
C1 BMA C . 31.24 -2.51 16.87
C2 BMA C . 31.14 -1.71 18.17
C3 BMA C . 32.16 -2.22 19.16
C4 BMA C . 32.05 -3.74 19.35
C5 BMA C . 32.05 -4.48 18.00
C6 BMA C . 31.72 -5.94 18.12
O2 BMA C . 29.80 -1.77 18.65
O3 BMA C . 31.98 -1.54 20.39
O4 BMA C . 33.14 -4.20 20.14
O5 BMA C . 31.07 -3.90 17.10
O6 BMA C . 31.80 -6.55 16.84
C1 NAG D . -10.78 -27.07 8.60
C2 NAG D . -11.41 -28.35 8.09
C3 NAG D . -10.38 -29.46 8.09
C4 NAG D . -9.13 -29.04 7.35
C5 NAG D . -8.58 -27.76 7.97
C6 NAG D . -7.34 -27.24 7.27
C7 NAG D . -13.79 -28.72 8.38
C8 NAG D . -14.80 -29.58 9.09
N2 NAG D . -12.55 -28.73 8.88
O3 NAG D . -10.93 -30.60 7.45
O4 NAG D . -8.25 -30.14 7.54
O5 NAG D . -9.60 -26.73 7.90
O6 NAG D . -6.19 -28.00 7.66
O7 NAG D . -14.07 -28.13 7.32
C1 NAG D . -7.48 -30.55 6.45
C2 NAG D . -6.59 -31.67 6.96
C3 NAG D . -5.73 -32.19 5.82
C4 NAG D . -6.64 -32.60 4.67
C5 NAG D . -7.47 -31.39 4.24
C6 NAG D . -8.39 -31.65 3.07
C7 NAG D . -6.04 -31.51 9.32
C8 NAG D . -6.79 -32.80 9.52
N2 NAG D . -5.78 -31.19 8.06
O3 NAG D . -4.93 -33.28 6.30
O4 NAG D . -5.89 -33.08 3.54
O5 NAG D . -8.28 -31.01 5.36
O6 NAG D . -9.52 -32.41 3.47
O7 NAG D . -5.71 -30.80 10.27
C1 BMA D . -5.75 -34.47 3.46
C2 BMA D . -5.31 -34.76 2.04
C3 BMA D . -5.13 -36.25 1.87
C4 BMA D . -4.14 -36.80 2.90
C5 BMA D . -4.55 -36.39 4.33
C6 BMA D . -3.47 -36.66 5.35
O2 BMA D . -4.12 -34.02 1.75
O3 BMA D . -4.69 -36.50 0.54
O4 BMA D . -4.08 -38.21 2.82
O5 BMA D . -4.78 -34.95 4.39
O6 BMA D . -3.74 -36.06 6.61
N1 UDP E . 12.95 -23.22 -7.45
C2 UDP E . 11.71 -23.71 -7.00
N3 UDP E . 11.76 -24.40 -5.83
C4 UDP E . 12.87 -24.66 -5.05
C5 UDP E . 14.12 -24.16 -5.58
C6 UDP E . 14.10 -23.48 -6.73
O2 UDP E . 10.62 -23.54 -7.53
O4 UDP E . 12.69 -25.30 -4.02
C1' UDP E . 12.99 -22.42 -8.72
C2' UDP E . 13.58 -21.01 -8.50
O2' UDP E . 12.96 -19.98 -9.24
C3' UDP E . 15.05 -21.13 -8.93
C4' UDP E . 15.03 -22.30 -9.91
O4' UDP E . 13.82 -23.07 -9.65
O3' UDP E . 15.47 -20.00 -9.68
C5' UDP E . 16.24 -23.19 -9.83
O5' UDP E . 16.26 -24.00 -11.00
PA UDP E . 17.34 -25.17 -11.15
O1A UDP E . 17.00 -25.94 -12.40
O2A UDP E . 18.73 -24.63 -10.87
O3A UDP E . 16.98 -26.14 -9.90
PB UDP E . 17.80 -26.30 -8.51
O1B UDP E . 18.50 -27.65 -8.52
O2B UDP E . 18.82 -25.14 -8.52
O3B UDP E . 16.72 -26.17 -7.44
MN MN F . 20.00 -24.37 -9.60
C ACY G . 7.33 -4.40 5.69
O ACY G . 6.34 -3.98 5.00
OXT ACY G . 7.49 -5.57 6.15
CH3 ACY G . 8.42 -3.42 6.01
N1 UDP H . 8.30 -7.81 25.20
C2 UDP H . 9.49 -7.18 24.82
N3 UDP H . 10.57 -8.01 24.58
C4 UDP H . 10.59 -9.39 24.71
C5 UDP H . 9.34 -9.97 25.13
C6 UDP H . 8.27 -9.19 25.36
O2 UDP H . 9.59 -5.96 24.67
O4 UDP H . 11.64 -10.00 24.46
C1' UDP H . 7.09 -6.96 25.47
C2' UDP H . 5.81 -7.35 24.74
O2' UDP H . 5.09 -6.29 24.12
C3' UDP H . 4.95 -8.05 25.83
C4' UDP H . 5.51 -7.51 27.15
O4' UDP H . 6.81 -6.96 26.87
O3' UDP H . 3.52 -8.00 25.82
C5' UDP H . 5.67 -8.56 28.21
O5' UDP H . 5.83 -7.91 29.48
PA UDP H . 5.93 -8.80 30.79
O1A UDP H . 6.06 -7.88 31.94
O2A UDP H . 4.88 -9.90 30.82
O3A UDP H . 7.36 -9.54 30.55
PB UDP H . 7.74 -11.04 30.06
O1B UDP H . 8.53 -11.62 31.22
O2B UDP H . 8.57 -11.07 28.76
O3B UDP H . 6.32 -11.69 29.90
MN MN I . 4.66 -11.68 30.56
C ACY J . 2.57 -10.02 2.52
O ACY J . 2.33 -8.89 2.05
OXT ACY J . 3.68 -10.41 2.97
CH3 ACY J . 1.44 -10.96 2.59
#